data_6BXK
#
_entry.id   6BXK
#
_cell.length_a   55.509
_cell.length_b   80.458
_cell.length_c   161.920
_cell.angle_alpha   90.00
_cell.angle_beta   90.00
_cell.angle_gamma   90.00
#
_symmetry.space_group_name_H-M   'P 21 21 21'
#
loop_
_entity.id
_entity.type
_entity.pdbx_description
1 polymer '2-(3-amino-3-carboxypropyl)histidine synthase'
2 non-polymer "5'-DEOXY-5'-METHYLTHIOADENOSINE"
3 non-polymer 'SULFATE ION'
4 non-polymer 'IRON/SULFUR CLUSTER'
5 water water
#
_entity_poly.entity_id   1
_entity_poly.type   'polypeptide(L)'
_entity_poly.pdbx_seq_one_letter_code
;MGSHHHHHHDITSLYKKAGSAAAVLEENLYFQGSFTMLHEIPKSEILKELKRIGAKRVLIQSPEGLRREAEELAGFLEEN
NIEVFLHGEINYGACDPADREAKLVGCDALIHLGHSYMKLPLEVPTIFVPAFARVSVVEALKENIGEIKKLGRKIIVTTT
AQHIHQLKEAKEFLESEGFEVSIGRGDSRISWPGQVLGCNYSVAKVRGEGILFIGSGIFHPLGLAVATRKKVLAIDPYTK
AFSWIDPERFIRKRWAQIAKAMDAKKFGVIVSIKKGQLRLAEAKRIVKLLKKHGREARLIVMNDVNYHKLEGFPFEAYVV
VACPRVPLDDYGAWRKPVLTPKEVEILLGLREEYEFDEILGGPRESDEPFGISIHSTR
;
_entity_poly.pdbx_strand_id   A,B
#
loop_
_chem_comp.id
_chem_comp.type
_chem_comp.name
_chem_comp.formula
MTA non-polymer 5'-DEOXY-5'-METHYLTHIOADENOSINE 'C11 H15 N5 O3 S'
SF4 non-polymer 'IRON/SULFUR CLUSTER' 'Fe4 S4'
SO4 non-polymer 'SULFATE ION' 'O4 S -2'
#
# COMPACT_ATOMS: atom_id res chain seq x y z
N LEU A 38 -0.66 15.04 -28.91
CA LEU A 38 -2.04 15.28 -28.52
C LEU A 38 -2.64 14.01 -27.92
N HIS A 39 -3.26 13.19 -28.76
CA HIS A 39 -3.82 11.93 -28.28
C HIS A 39 -2.79 10.81 -28.20
N GLU A 40 -1.60 11.02 -28.75
CA GLU A 40 -0.50 10.08 -28.63
C GLU A 40 0.45 10.54 -27.53
N ILE A 41 0.94 9.59 -26.74
CA ILE A 41 1.99 9.81 -25.75
C ILE A 41 3.17 10.48 -26.44
N PRO A 42 3.41 11.78 -26.22
CA PRO A 42 4.43 12.47 -27.03
C PRO A 42 5.83 12.19 -26.49
N LYS A 43 6.40 11.07 -26.93
CA LYS A 43 7.68 10.61 -26.36
C LYS A 43 8.79 11.62 -26.62
N SER A 44 8.72 12.33 -27.75
CA SER A 44 9.71 13.35 -28.07
C SER A 44 9.66 14.53 -27.11
N GLU A 45 8.48 15.12 -26.92
CA GLU A 45 8.36 16.23 -25.99
C GLU A 45 8.83 15.82 -24.59
N ILE A 46 8.49 14.60 -24.15
CA ILE A 46 8.88 14.16 -22.80
C ILE A 46 10.39 14.13 -22.66
N LEU A 47 11.08 13.53 -23.64
CA LEU A 47 12.55 13.54 -23.65
C LEU A 47 13.10 14.96 -23.56
N LYS A 48 12.56 15.89 -24.37
CA LYS A 48 13.12 17.24 -24.40
C LYS A 48 13.01 17.92 -23.05
N GLU A 49 11.88 17.77 -22.36
CA GLU A 49 11.77 18.33 -21.01
C GLU A 49 12.76 17.67 -20.05
N LEU A 50 12.90 16.35 -20.14
CA LEU A 50 13.86 15.66 -19.27
C LEU A 50 15.28 16.13 -19.53
N LYS A 51 15.67 16.24 -20.81
CA LYS A 51 17.03 16.69 -21.12
C LYS A 51 17.24 18.14 -20.73
N ARG A 52 16.16 18.94 -20.62
CA ARG A 52 16.31 20.35 -20.25
C ARG A 52 16.65 20.51 -18.77
N ILE A 53 15.99 19.73 -17.91
CA ILE A 53 16.21 19.82 -16.46
C ILE A 53 17.32 18.87 -16.02
N GLY A 54 18.00 18.23 -16.97
CA GLY A 54 19.12 17.37 -16.64
C GLY A 54 18.78 16.06 -15.96
N ALA A 55 17.56 15.54 -16.15
CA ALA A 55 17.14 14.31 -15.51
C ALA A 55 17.94 13.12 -16.03
N LYS A 56 18.49 12.32 -15.10
CA LYS A 56 19.18 11.09 -15.45
C LYS A 56 18.44 9.83 -15.01
N ARG A 57 17.54 9.91 -14.04
CA ARG A 57 16.84 8.73 -13.55
C ARG A 57 15.43 9.12 -13.19
N VAL A 58 14.45 8.43 -13.77
CA VAL A 58 13.05 8.83 -13.68
C VAL A 58 12.17 7.65 -13.30
N LEU A 59 11.12 7.95 -12.53
CA LEU A 59 10.08 7.00 -12.18
C LEU A 59 8.81 7.31 -12.97
N ILE A 60 8.14 6.27 -13.46
CA ILE A 60 6.91 6.43 -14.23
C ILE A 60 5.74 5.80 -13.47
N GLN A 61 4.76 6.62 -13.08
CA GLN A 61 3.46 6.12 -12.65
C GLN A 61 2.56 5.88 -13.84
N SER A 62 1.58 5.01 -13.66
CA SER A 62 0.64 4.76 -14.74
C SER A 62 -0.66 4.17 -14.18
N PRO A 63 -1.81 4.53 -14.72
CA PRO A 63 -3.06 3.88 -14.35
C PRO A 63 -3.15 2.53 -15.05
N GLU A 64 -4.21 1.79 -14.72
CA GLU A 64 -4.31 0.40 -15.17
C GLU A 64 -4.31 0.33 -16.70
N GLY A 65 -5.03 1.23 -17.37
CA GLY A 65 -5.13 1.17 -18.82
C GLY A 65 -3.92 1.65 -19.61
N LEU A 66 -2.85 2.09 -18.94
CA LEU A 66 -1.66 2.57 -19.64
C LEU A 66 -0.39 1.84 -19.18
N ARG A 67 -0.53 0.64 -18.61
CA ARG A 67 0.65 -0.10 -18.14
C ARG A 67 1.61 -0.40 -19.29
N ARG A 68 1.09 -0.87 -20.43
CA ARG A 68 1.93 -1.19 -21.56
C ARG A 68 2.60 0.08 -22.14
N GLU A 69 1.87 1.20 -22.16
CA GLU A 69 2.47 2.43 -22.67
C GLU A 69 3.59 2.90 -21.76
N ALA A 70 3.44 2.70 -20.45
CA ALA A 70 4.50 3.06 -19.52
C ALA A 70 5.81 2.34 -19.84
N GLU A 71 5.73 1.05 -20.18
CA GLU A 71 6.97 0.32 -20.45
C GLU A 71 7.54 0.65 -21.84
N GLU A 72 6.67 1.00 -22.80
CA GLU A 72 7.19 1.47 -24.09
C GLU A 72 7.93 2.79 -23.94
N LEU A 73 7.32 3.74 -23.23
CA LEU A 73 8.02 4.99 -22.92
C LEU A 73 9.35 4.71 -22.24
N ALA A 74 9.35 3.78 -21.29
CA ALA A 74 10.55 3.48 -20.52
C ALA A 74 11.68 3.03 -21.44
N GLY A 75 11.38 2.08 -22.34
CA GLY A 75 12.40 1.61 -23.26
C GLY A 75 12.92 2.69 -24.18
N PHE A 76 12.07 3.66 -24.54
CA PHE A 76 12.49 4.75 -25.42
C PHE A 76 13.46 5.68 -24.72
N LEU A 77 13.16 6.05 -23.47
CA LEU A 77 14.05 6.92 -22.72
C LEU A 77 15.37 6.24 -22.37
N GLU A 78 15.35 4.93 -22.14
CA GLU A 78 16.60 4.23 -21.86
C GLU A 78 17.50 4.17 -23.08
N GLU A 79 16.91 4.02 -24.27
CA GLU A 79 17.69 4.17 -25.49
C GLU A 79 18.36 5.55 -25.55
N ASN A 80 17.77 6.55 -24.91
CA ASN A 80 18.30 7.91 -24.89
C ASN A 80 18.99 8.23 -23.57
N ASN A 81 19.62 7.22 -22.96
CA ASN A 81 20.58 7.44 -21.87
C ASN A 81 19.91 8.03 -20.64
N ILE A 82 18.72 7.54 -20.32
CA ILE A 82 18.04 7.94 -19.09
C ILE A 82 17.53 6.68 -18.40
N GLU A 83 18.09 6.37 -17.23
CA GLU A 83 17.64 5.22 -16.47
C GLU A 83 16.20 5.44 -16.01
N VAL A 84 15.40 4.38 -16.10
CA VAL A 84 13.96 4.46 -15.89
C VAL A 84 13.52 3.32 -14.97
N PHE A 85 12.86 3.68 -13.87
CA PHE A 85 12.11 2.75 -13.03
C PHE A 85 10.62 2.91 -13.33
N LEU A 86 9.87 1.81 -13.24
CA LEU A 86 8.41 1.90 -13.26
C LEU A 86 7.90 1.81 -11.83
N HIS A 87 6.84 2.56 -11.57
CA HIS A 87 6.16 2.49 -10.28
C HIS A 87 5.15 1.34 -10.34
N GLY A 88 5.25 0.44 -9.36
CA GLY A 88 4.49 -0.80 -9.43
C GLY A 88 3.08 -0.71 -8.89
N GLU A 89 2.78 0.35 -8.14
CA GLU A 89 1.43 0.54 -7.65
C GLU A 89 0.51 0.90 -8.81
N ILE A 90 -0.79 0.63 -8.63
CA ILE A 90 -1.80 1.04 -9.60
C ILE A 90 -2.29 2.44 -9.19
N ASN A 91 -1.98 3.43 -10.01
CA ASN A 91 -2.29 4.80 -9.65
C ASN A 91 -3.71 5.14 -10.04
N TYR A 92 -4.40 5.86 -9.16
CA TYR A 92 -5.80 6.22 -9.40
C TYR A 92 -6.04 7.71 -9.61
N GLY A 93 -5.02 8.56 -9.58
CA GLY A 93 -5.26 9.98 -9.75
C GLY A 93 -4.03 10.83 -9.47
N ALA A 94 -4.11 12.09 -9.91
CA ALA A 94 -3.01 13.01 -9.63
C ALA A 94 -2.99 13.44 -8.17
N CYS A 95 -4.02 13.09 -7.40
CA CYS A 95 -4.01 13.24 -5.96
C CYS A 95 -3.00 12.32 -5.27
N ASP A 96 -2.32 11.46 -6.03
CA ASP A 96 -1.45 10.42 -5.46
C ASP A 96 -0.13 10.36 -6.23
N PRO A 97 0.65 11.44 -6.24
CA PRO A 97 1.92 11.42 -6.98
C PRO A 97 2.94 10.60 -6.23
N ALA A 98 3.77 9.87 -6.98
CA ALA A 98 4.79 9.01 -6.38
C ALA A 98 6.12 9.73 -6.20
N ASP A 99 6.07 11.04 -5.90
CA ASP A 99 7.29 11.84 -5.86
C ASP A 99 8.17 11.47 -4.66
N ARG A 100 7.55 11.23 -3.50
CA ARG A 100 8.33 10.82 -2.35
C ARG A 100 9.03 9.49 -2.61
N GLU A 101 8.34 8.56 -3.28
CA GLU A 101 8.97 7.28 -3.58
C GLU A 101 10.11 7.46 -4.56
N ALA A 102 9.92 8.29 -5.59
CA ALA A 102 10.99 8.62 -6.53
C ALA A 102 12.23 9.11 -5.78
N LYS A 103 12.06 10.09 -4.90
CA LYS A 103 13.22 10.61 -4.17
C LYS A 103 13.89 9.53 -3.34
N LEU A 104 13.14 8.49 -2.95
CA LEU A 104 13.74 7.43 -2.13
C LEU A 104 14.65 6.53 -2.95
N VAL A 105 14.24 6.18 -4.17
CA VAL A 105 15.05 5.30 -5.00
C VAL A 105 16.05 6.12 -5.82
N GLY A 106 16.19 7.40 -5.46
CA GLY A 106 17.16 8.26 -6.12
C GLY A 106 16.79 8.71 -7.52
N CYS A 107 15.51 8.73 -7.86
CA CYS A 107 15.08 9.36 -9.10
C CYS A 107 15.05 10.87 -8.94
N ASP A 108 15.56 11.59 -9.96
CA ASP A 108 15.53 13.04 -9.92
C ASP A 108 14.31 13.62 -10.61
N ALA A 109 13.42 12.78 -11.15
CA ALA A 109 12.19 13.28 -11.74
C ALA A 109 11.15 12.18 -11.77
N LEU A 110 9.89 12.59 -11.79
CA LEU A 110 8.75 11.70 -11.85
C LEU A 110 7.96 12.00 -13.13
N ILE A 111 7.53 10.93 -13.81
CA ILE A 111 6.59 11.02 -14.92
C ILE A 111 5.27 10.44 -14.44
N HIS A 112 4.20 11.23 -14.57
CA HIS A 112 2.88 10.80 -14.13
C HIS A 112 1.98 10.69 -15.35
N LEU A 113 1.73 9.45 -15.78
CA LEU A 113 0.92 9.20 -16.97
C LEU A 113 -0.56 9.24 -16.64
N GLY A 114 -1.34 9.72 -17.59
CA GLY A 114 -2.78 9.54 -17.57
C GLY A 114 -3.58 10.57 -16.81
N HIS A 115 -2.95 11.47 -16.07
CA HIS A 115 -3.70 12.50 -15.36
C HIS A 115 -2.94 13.82 -15.44
N SER A 116 -3.67 14.89 -15.13
CA SER A 116 -3.12 16.24 -15.14
C SER A 116 -2.92 16.75 -13.72
N TYR A 117 -2.02 17.73 -13.61
CA TYR A 117 -1.62 18.30 -12.33
C TYR A 117 -2.82 18.86 -11.56
N MET A 118 -2.83 18.59 -10.26
CA MET A 118 -3.58 19.35 -9.27
C MET A 118 -2.61 19.96 -8.26
N LYS A 119 -2.99 21.09 -7.67
CA LYS A 119 -2.01 21.79 -6.84
C LYS A 119 -1.60 20.95 -5.62
N LEU A 120 -0.36 20.48 -5.64
CA LEU A 120 0.27 19.73 -4.55
C LEU A 120 1.75 20.08 -4.49
N PRO A 121 2.34 20.08 -3.31
CA PRO A 121 3.80 20.16 -3.24
C PRO A 121 4.41 18.89 -3.81
N LEU A 122 5.44 19.05 -4.64
CA LEU A 122 6.13 17.95 -5.30
C LEU A 122 7.59 17.97 -4.91
N GLU A 123 8.12 16.82 -4.51
CA GLU A 123 9.48 16.74 -4.03
C GLU A 123 10.51 16.51 -5.14
N VAL A 124 10.06 16.08 -6.32
CA VAL A 124 10.94 16.04 -7.49
C VAL A 124 10.19 16.67 -8.66
N PRO A 125 10.89 17.22 -9.66
CA PRO A 125 10.19 17.74 -10.84
C PRO A 125 9.37 16.64 -11.50
N THR A 126 8.14 16.98 -11.87
CA THR A 126 7.16 15.99 -12.31
C THR A 126 6.54 16.43 -13.63
N ILE A 127 6.43 15.47 -14.56
CA ILE A 127 5.79 15.69 -15.85
C ILE A 127 4.46 14.94 -15.87
N PHE A 128 3.37 15.68 -16.08
CA PHE A 128 2.03 15.11 -16.17
C PHE A 128 1.68 14.91 -17.63
N VAL A 129 1.18 13.73 -17.96
CA VAL A 129 0.90 13.37 -19.35
C VAL A 129 -0.56 12.96 -19.48
N PRO A 130 -1.50 13.91 -19.53
CA PRO A 130 -2.92 13.56 -19.51
C PRO A 130 -3.33 12.75 -20.75
N ALA A 131 -4.42 12.00 -20.60
CA ALA A 131 -4.93 11.11 -21.63
C ALA A 131 -6.21 11.72 -22.21
N PHE A 132 -6.22 11.95 -23.52
CA PHE A 132 -7.35 12.55 -24.22
C PHE A 132 -7.96 11.52 -25.16
N ALA A 133 -9.26 11.24 -24.99
CA ALA A 133 -9.98 10.36 -25.91
C ALA A 133 -10.32 11.08 -27.20
N ARG A 134 -10.26 10.35 -28.32
CA ARG A 134 -10.46 10.97 -29.62
C ARG A 134 -11.91 11.33 -29.92
N VAL A 135 -12.89 10.73 -29.24
CA VAL A 135 -14.26 10.75 -29.71
C VAL A 135 -14.78 12.18 -29.83
N SER A 136 -15.43 12.49 -30.95
CA SER A 136 -16.09 13.78 -31.13
C SER A 136 -17.44 13.77 -30.42
N VAL A 137 -17.66 14.75 -29.54
CA VAL A 137 -18.89 14.74 -28.75
C VAL A 137 -20.08 15.39 -29.46
N VAL A 138 -19.85 16.27 -30.44
CA VAL A 138 -20.97 17.05 -31.00
C VAL A 138 -22.07 16.13 -31.53
N GLU A 139 -21.70 15.01 -32.16
CA GLU A 139 -22.70 14.10 -32.70
C GLU A 139 -23.73 13.68 -31.66
N ALA A 140 -23.26 13.32 -30.45
CA ALA A 140 -24.20 12.89 -29.41
C ALA A 140 -25.05 14.04 -28.90
N LEU A 141 -24.50 15.26 -28.85
CA LEU A 141 -25.30 16.43 -28.48
C LEU A 141 -26.43 16.67 -29.49
N LYS A 142 -26.10 16.70 -30.78
CA LYS A 142 -27.12 16.95 -31.80
C LYS A 142 -28.24 15.91 -31.73
N GLU A 143 -27.88 14.64 -31.54
CA GLU A 143 -28.88 13.59 -31.47
C GLU A 143 -29.86 13.82 -30.33
N ASN A 144 -29.42 14.50 -29.26
CA ASN A 144 -30.23 14.61 -28.06
C ASN A 144 -30.70 16.03 -27.79
N ILE A 145 -30.64 16.91 -28.79
CA ILE A 145 -30.87 18.32 -28.54
C ILE A 145 -32.24 18.55 -27.91
N GLY A 146 -33.23 17.73 -28.25
CA GLY A 146 -34.55 17.88 -27.66
C GLY A 146 -34.55 17.63 -26.16
N GLU A 147 -33.75 16.66 -25.70
CA GLU A 147 -33.65 16.48 -24.25
C GLU A 147 -32.90 17.64 -23.62
N ILE A 148 -31.82 18.11 -24.28
CA ILE A 148 -31.01 19.17 -23.71
C ILE A 148 -31.84 20.44 -23.52
N LYS A 149 -32.85 20.66 -24.39
CA LYS A 149 -33.70 21.83 -24.23
C LYS A 149 -34.40 21.84 -22.87
N LYS A 150 -34.74 20.66 -22.35
CA LYS A 150 -35.42 20.59 -21.06
C LYS A 150 -34.55 21.10 -19.90
N LEU A 151 -33.25 21.23 -20.10
CA LEU A 151 -32.40 21.83 -19.08
C LEU A 151 -32.63 23.33 -18.93
N GLY A 152 -33.13 24.00 -19.97
CA GLY A 152 -33.40 25.43 -19.90
C GLY A 152 -32.46 26.24 -20.78
N ARG A 153 -32.63 27.57 -20.70
CA ARG A 153 -31.90 28.46 -21.60
C ARG A 153 -30.43 28.52 -21.24
N LYS A 154 -30.11 28.81 -19.98
CA LYS A 154 -28.74 28.88 -19.49
C LYS A 154 -28.36 27.54 -18.86
N ILE A 155 -27.38 26.85 -19.45
CA ILE A 155 -27.01 25.52 -19.03
C ILE A 155 -25.57 25.50 -18.56
N ILE A 156 -25.28 24.56 -17.65
CA ILE A 156 -23.95 24.33 -17.14
C ILE A 156 -23.43 23.07 -17.81
N VAL A 157 -22.23 23.14 -18.39
CA VAL A 157 -21.68 22.05 -19.16
C VAL A 157 -20.42 21.53 -18.48
N THR A 158 -20.31 20.22 -18.38
CA THR A 158 -19.30 19.56 -17.58
C THR A 158 -18.89 18.27 -18.26
N THR A 159 -17.63 17.90 -18.07
CA THR A 159 -17.14 16.63 -18.59
C THR A 159 -15.95 16.20 -17.75
N THR A 160 -15.41 15.03 -18.08
CA THR A 160 -14.20 14.52 -17.44
C THR A 160 -12.98 14.87 -18.28
N ALA A 161 -11.81 14.56 -17.71
CA ALA A 161 -10.53 14.96 -18.30
C ALA A 161 -10.34 14.43 -19.72
N GLN A 162 -10.79 13.22 -19.99
CA GLN A 162 -10.56 12.64 -21.31
C GLN A 162 -11.34 13.32 -22.42
N HIS A 163 -12.36 14.12 -22.09
CA HIS A 163 -13.10 14.87 -23.10
C HIS A 163 -12.95 16.39 -22.93
N ILE A 164 -12.01 16.84 -22.10
CA ILE A 164 -11.93 18.27 -21.79
C ILE A 164 -11.62 19.10 -23.04
N HIS A 165 -10.80 18.55 -23.96
CA HIS A 165 -10.47 19.25 -25.18
C HIS A 165 -11.67 19.42 -26.11
N GLN A 166 -12.70 18.59 -25.96
CA GLN A 166 -13.90 18.73 -26.76
C GLN A 166 -14.84 19.82 -26.26
N LEU A 167 -14.58 20.34 -25.05
CA LEU A 167 -15.54 21.24 -24.43
C LEU A 167 -15.76 22.50 -25.25
N LYS A 168 -14.71 23.00 -25.92
CA LYS A 168 -14.88 24.18 -26.78
C LYS A 168 -15.81 23.87 -27.95
N GLU A 169 -15.69 22.66 -28.53
CA GLU A 169 -16.58 22.29 -29.64
C GLU A 169 -18.01 22.12 -29.15
N ALA A 170 -18.18 21.49 -27.98
CA ALA A 170 -19.50 21.36 -27.39
C ALA A 170 -20.12 22.72 -27.10
N LYS A 171 -19.30 23.66 -26.63
CA LYS A 171 -19.82 24.98 -26.31
C LYS A 171 -20.32 25.70 -27.57
N GLU A 172 -19.46 25.77 -28.60
CA GLU A 172 -19.84 26.45 -29.84
C GLU A 172 -21.14 25.89 -30.40
N PHE A 173 -21.28 24.56 -30.38
CA PHE A 173 -22.49 23.94 -30.91
C PHE A 173 -23.72 24.35 -30.11
N LEU A 174 -23.66 24.24 -28.79
CA LEU A 174 -24.80 24.60 -27.94
C LEU A 174 -25.17 26.07 -28.08
N GLU A 175 -24.18 26.96 -28.09
CA GLU A 175 -24.49 28.36 -28.34
C GLU A 175 -25.09 28.54 -29.72
N SER A 176 -24.55 27.82 -30.72
CA SER A 176 -25.10 27.91 -32.08
C SER A 176 -26.49 27.31 -32.19
N GLU A 177 -26.99 26.65 -31.15
CA GLU A 177 -28.38 26.21 -31.13
C GLU A 177 -29.26 27.08 -30.25
N GLY A 178 -28.72 28.15 -29.67
CA GLY A 178 -29.51 29.07 -28.88
C GLY A 178 -29.35 28.97 -27.38
N PHE A 179 -28.41 28.17 -26.87
CA PHE A 179 -28.17 28.11 -25.44
C PHE A 179 -27.18 29.19 -25.03
N GLU A 180 -27.35 29.69 -23.81
CA GLU A 180 -26.27 30.33 -23.09
C GLU A 180 -25.52 29.23 -22.32
N VAL A 181 -24.20 29.24 -22.39
CA VAL A 181 -23.40 28.14 -21.85
C VAL A 181 -22.55 28.66 -20.70
N SER A 182 -22.75 28.11 -19.52
CA SER A 182 -21.95 28.44 -18.34
C SER A 182 -20.95 27.33 -18.05
N ILE A 183 -19.70 27.72 -17.82
CA ILE A 183 -18.63 26.76 -17.55
C ILE A 183 -17.76 27.29 -16.44
N GLY A 184 -17.74 26.60 -15.30
CA GLY A 184 -16.99 27.06 -14.15
C GLY A 184 -15.51 26.72 -14.25
N ARG A 185 -14.68 27.59 -13.67
CA ARG A 185 -13.25 27.35 -13.71
C ARG A 185 -12.84 26.17 -12.83
N GLY A 186 -13.53 25.95 -11.72
CA GLY A 186 -13.07 25.01 -10.72
C GLY A 186 -11.94 25.56 -9.86
N ASP A 187 -11.64 24.83 -8.79
CA ASP A 187 -10.66 25.25 -7.82
C ASP A 187 -9.31 24.58 -8.13
N SER A 188 -8.39 24.62 -7.17
CA SER A 188 -7.02 24.18 -7.43
C SER A 188 -6.87 22.66 -7.49
N ARG A 189 -7.92 21.88 -7.17
CA ARG A 189 -7.93 20.45 -7.45
C ARG A 189 -8.28 20.15 -8.90
N ILE A 190 -8.83 21.11 -9.59
CA ILE A 190 -9.24 20.97 -10.98
C ILE A 190 -8.12 21.49 -11.86
N SER A 191 -8.05 20.98 -13.10
CA SER A 191 -6.99 21.36 -14.02
C SER A 191 -7.46 22.24 -15.18
N TRP A 192 -8.75 22.20 -15.53
CA TRP A 192 -9.26 23.01 -16.62
C TRP A 192 -10.71 23.36 -16.31
N PRO A 193 -11.20 24.51 -16.80
CA PRO A 193 -12.63 24.82 -16.62
C PRO A 193 -13.54 23.75 -17.23
N GLY A 194 -14.63 23.43 -16.54
CA GLY A 194 -15.58 22.42 -16.96
C GLY A 194 -15.26 20.99 -16.54
N GLN A 195 -14.10 20.73 -15.92
CA GLN A 195 -13.68 19.39 -15.59
C GLN A 195 -14.22 18.97 -14.22
N VAL A 196 -14.87 17.83 -14.16
CA VAL A 196 -15.31 17.29 -12.87
C VAL A 196 -14.42 16.10 -12.48
N LEU A 197 -14.09 16.01 -11.19
CA LEU A 197 -13.53 14.80 -10.62
C LEU A 197 -14.61 14.08 -9.81
N GLY A 198 -14.37 12.80 -9.56
CA GLY A 198 -15.31 12.04 -8.78
C GLY A 198 -15.57 12.62 -7.39
N CYS A 199 -14.57 13.30 -6.83
CA CYS A 199 -14.70 13.93 -5.52
C CYS A 199 -14.68 15.46 -5.58
N ASN A 200 -14.88 16.06 -6.75
CA ASN A 200 -14.84 17.52 -6.82
C ASN A 200 -15.67 18.00 -8.00
N TYR A 201 -16.70 18.78 -7.71
CA TYR A 201 -17.66 19.26 -8.68
C TYR A 201 -17.75 20.77 -8.68
N SER A 202 -16.68 21.43 -8.23
CA SER A 202 -16.71 22.89 -8.09
C SER A 202 -16.97 23.56 -9.43
N VAL A 203 -16.56 22.95 -10.55
CA VAL A 203 -16.79 23.59 -11.85
C VAL A 203 -18.26 23.72 -12.19
N ALA A 204 -19.15 23.12 -11.43
CA ALA A 204 -20.59 23.19 -11.68
C ALA A 204 -21.31 24.15 -10.74
N LYS A 205 -20.60 24.70 -9.75
CA LYS A 205 -21.21 25.62 -8.79
C LYS A 205 -21.22 27.04 -9.35
N VAL A 206 -21.96 27.22 -10.45
CA VAL A 206 -22.11 28.51 -11.12
C VAL A 206 -23.57 28.71 -11.45
N ARG A 207 -23.88 29.92 -11.93
CA ARG A 207 -25.24 30.23 -12.38
C ARG A 207 -25.61 29.37 -13.57
N GLY A 208 -26.86 28.96 -13.63
CA GLY A 208 -27.33 28.07 -14.67
C GLY A 208 -28.50 27.27 -14.17
N GLU A 209 -29.36 26.86 -15.11
CA GLU A 209 -30.65 26.27 -14.78
C GLU A 209 -30.62 24.74 -14.66
N GLY A 210 -29.77 24.06 -15.42
CA GLY A 210 -29.59 22.62 -15.32
C GLY A 210 -28.20 22.30 -15.79
N ILE A 211 -27.78 21.06 -15.53
CA ILE A 211 -26.41 20.66 -15.80
C ILE A 211 -26.41 19.59 -16.88
N LEU A 212 -25.58 19.80 -17.89
CA LEU A 212 -25.25 18.78 -18.88
C LEU A 212 -23.94 18.14 -18.48
N PHE A 213 -23.90 16.80 -18.46
CA PHE A 213 -22.66 16.06 -18.27
C PHE A 213 -22.38 15.29 -19.55
N ILE A 214 -21.17 15.43 -20.08
CA ILE A 214 -20.73 14.68 -21.25
C ILE A 214 -19.72 13.64 -20.79
N GLY A 215 -20.09 12.37 -20.88
CA GLY A 215 -19.19 11.31 -20.45
C GLY A 215 -19.91 9.99 -20.31
N SER A 216 -19.11 8.95 -20.09
CA SER A 216 -19.66 7.63 -19.83
C SER A 216 -19.86 7.41 -18.33
N GLY A 217 -20.82 6.57 -18.01
CA GLY A 217 -20.95 6.10 -16.65
C GLY A 217 -21.78 7.00 -15.76
N ILE A 218 -21.95 6.52 -14.54
CA ILE A 218 -23.00 7.00 -13.67
C ILE A 218 -22.48 7.79 -12.46
N PHE A 219 -21.27 7.48 -11.95
CA PHE A 219 -20.86 8.09 -10.70
C PHE A 219 -20.76 9.60 -10.80
N HIS A 220 -20.13 10.11 -11.87
CA HIS A 220 -20.00 11.56 -11.98
C HIS A 220 -21.35 12.27 -12.07
N PRO A 221 -22.28 11.89 -12.96
CA PRO A 221 -23.56 12.63 -13.02
C PRO A 221 -24.30 12.58 -11.70
N LEU A 222 -24.25 11.43 -11.02
CA LEU A 222 -24.91 11.30 -9.72
C LEU A 222 -24.30 12.29 -8.71
N GLY A 223 -22.97 12.28 -8.62
CA GLY A 223 -22.30 13.29 -7.82
C GLY A 223 -22.66 14.72 -8.19
N LEU A 224 -22.90 14.98 -9.48
CA LEU A 224 -23.34 16.32 -9.85
C LEU A 224 -24.71 16.62 -9.25
N ALA A 225 -25.68 15.74 -9.49
CA ALA A 225 -27.03 15.92 -8.96
C ALA A 225 -27.02 16.12 -7.45
N VAL A 226 -26.27 15.29 -6.72
CA VAL A 226 -26.28 15.38 -5.26
C VAL A 226 -25.56 16.62 -4.78
N ALA A 227 -24.43 16.96 -5.42
CA ALA A 227 -23.63 18.09 -4.97
C ALA A 227 -24.23 19.43 -5.35
N THR A 228 -25.09 19.48 -6.37
CA THR A 228 -25.67 20.73 -6.83
C THR A 228 -27.17 20.83 -6.59
N ARG A 229 -27.86 19.71 -6.39
CA ARG A 229 -29.32 19.67 -6.28
C ARG A 229 -29.99 20.33 -7.49
N LYS A 230 -29.35 20.24 -8.65
CA LYS A 230 -29.92 20.69 -9.91
C LYS A 230 -30.20 19.51 -10.83
N LYS A 231 -31.16 19.69 -11.74
CA LYS A 231 -31.40 18.72 -12.79
C LYS A 231 -30.11 18.44 -13.55
N VAL A 232 -29.70 17.18 -13.60
CA VAL A 232 -28.51 16.76 -14.34
C VAL A 232 -28.91 15.88 -15.50
N LEU A 233 -28.42 16.22 -16.70
CA LEU A 233 -28.60 15.41 -17.90
C LEU A 233 -27.25 14.84 -18.36
N ALA A 234 -27.13 13.52 -18.37
CA ALA A 234 -25.91 12.85 -18.81
C ALA A 234 -26.08 12.36 -20.25
N ILE A 235 -25.07 12.62 -21.09
CA ILE A 235 -25.06 12.06 -22.43
C ILE A 235 -23.73 11.33 -22.65
N ASP A 236 -23.82 10.07 -23.06
CA ASP A 236 -22.65 9.27 -23.39
C ASP A 236 -22.24 9.61 -24.83
N PRO A 237 -21.01 10.03 -25.08
CA PRO A 237 -20.63 10.40 -26.45
C PRO A 237 -20.40 9.20 -27.35
N TYR A 238 -20.28 7.99 -26.79
CA TYR A 238 -20.06 6.80 -27.61
C TYR A 238 -21.38 6.21 -28.08
N THR A 239 -22.32 5.99 -27.15
CA THR A 239 -23.60 5.39 -27.51
C THR A 239 -24.64 6.42 -27.91
N LYS A 240 -24.39 7.70 -27.64
CA LYS A 240 -25.37 8.78 -27.72
C LYS A 240 -26.55 8.55 -26.79
N ALA A 241 -26.47 7.58 -25.90
CA ALA A 241 -27.54 7.37 -24.94
C ALA A 241 -27.55 8.49 -23.92
N PHE A 242 -28.71 8.71 -23.31
CA PHE A 242 -28.86 9.79 -22.35
C PHE A 242 -29.59 9.28 -21.12
N SER A 243 -29.49 10.06 -20.05
CA SER A 243 -30.02 9.67 -18.75
C SER A 243 -30.24 10.92 -17.91
N TRP A 244 -31.47 11.10 -17.43
CA TRP A 244 -31.76 12.07 -16.38
C TRP A 244 -31.42 11.44 -15.03
N ILE A 245 -30.56 12.09 -14.26
CA ILE A 245 -30.07 11.52 -13.00
C ILE A 245 -31.09 11.75 -11.89
N ASP A 246 -31.58 10.66 -11.31
CA ASP A 246 -32.41 10.74 -10.11
C ASP A 246 -31.61 10.20 -8.93
N PRO A 247 -31.19 11.06 -7.99
CA PRO A 247 -30.35 10.58 -6.89
C PRO A 247 -31.11 9.85 -5.79
N GLU A 248 -32.45 9.78 -5.86
CA GLU A 248 -33.22 9.22 -4.76
C GLU A 248 -32.75 7.82 -4.42
N ARG A 249 -32.67 6.94 -5.42
CA ARG A 249 -32.19 5.58 -5.19
C ARG A 249 -30.86 5.57 -4.46
N PHE A 250 -29.94 6.45 -4.86
CA PHE A 250 -28.64 6.50 -4.21
C PHE A 250 -28.77 6.99 -2.77
N ILE A 251 -29.51 8.09 -2.58
CA ILE A 251 -29.65 8.71 -1.26
C ILE A 251 -30.32 7.77 -0.30
N ARG A 252 -31.26 6.94 -0.77
CA ARG A 252 -31.89 5.96 0.11
C ARG A 252 -30.90 4.90 0.55
N LYS A 253 -30.06 4.41 -0.37
CA LYS A 253 -29.02 3.46 0.01
C LYS A 253 -28.08 4.06 1.05
N ARG A 254 -27.82 5.37 0.98
CA ARG A 254 -26.99 5.98 2.00
C ARG A 254 -27.73 6.11 3.32
N TRP A 255 -29.05 6.35 3.28
CA TRP A 255 -29.81 6.44 4.52
C TRP A 255 -29.83 5.10 5.24
N ALA A 256 -29.91 4.00 4.49
CA ALA A 256 -29.80 2.69 5.10
C ALA A 256 -28.43 2.46 5.73
N GLN A 257 -27.37 2.93 5.06
CA GLN A 257 -26.03 2.79 5.62
C GLN A 257 -25.92 3.50 6.95
N ILE A 258 -26.43 4.72 7.03
CA ILE A 258 -26.45 5.46 8.29
C ILE A 258 -27.27 4.73 9.33
N ALA A 259 -28.36 4.10 8.91
CA ALA A 259 -29.21 3.38 9.84
C ALA A 259 -28.46 2.22 10.48
N LYS A 260 -27.77 1.41 9.67
CA LYS A 260 -26.98 0.30 10.20
C LYS A 260 -25.97 0.79 11.24
N ALA A 261 -25.53 2.04 11.14
CA ALA A 261 -24.53 2.55 12.07
C ALA A 261 -25.14 3.27 13.26
N MET A 262 -26.44 3.58 13.23
CA MET A 262 -27.10 4.11 14.41
C MET A 262 -27.01 3.13 15.58
N ASP A 263 -26.70 1.86 15.31
CA ASP A 263 -26.51 0.86 16.34
C ASP A 263 -25.09 0.83 16.90
N ALA A 264 -24.14 1.50 16.27
CA ALA A 264 -22.73 1.29 16.57
C ALA A 264 -22.25 2.16 17.72
N LYS A 265 -21.27 1.64 18.47
CA LYS A 265 -20.62 2.35 19.56
C LYS A 265 -19.12 2.55 19.35
N LYS A 266 -18.45 1.67 18.61
CA LYS A 266 -17.01 1.75 18.36
C LYS A 266 -16.78 2.12 16.89
N PHE A 267 -16.03 3.21 16.66
CA PHE A 267 -15.87 3.79 15.32
C PHE A 267 -14.41 3.91 14.93
N GLY A 268 -14.07 3.44 13.73
CA GLY A 268 -12.80 3.75 13.12
C GLY A 268 -12.95 4.93 12.14
N VAL A 269 -12.05 5.88 12.26
CA VAL A 269 -12.05 7.09 11.42
C VAL A 269 -10.74 7.11 10.64
N ILE A 270 -10.83 6.94 9.33
CA ILE A 270 -9.70 6.55 8.49
C ILE A 270 -9.18 7.75 7.72
N VAL A 271 -7.85 7.92 7.70
CA VAL A 271 -7.20 8.84 6.78
C VAL A 271 -6.27 8.06 5.85
N SER A 272 -6.17 8.56 4.61
CA SER A 272 -5.17 8.09 3.66
C SER A 272 -4.03 9.11 3.57
N ILE A 273 -2.80 8.62 3.55
CA ILE A 273 -1.63 9.48 3.55
C ILE A 273 -1.20 9.80 2.13
N LYS A 274 -2.03 9.42 1.15
CA LYS A 274 -1.81 9.91 -0.20
C LYS A 274 -1.84 11.44 -0.19
N LYS A 275 -0.82 12.08 -0.77
CA LYS A 275 -0.57 13.50 -0.54
C LYS A 275 -1.83 14.35 -0.74
N GLY A 276 -2.57 14.09 -1.80
CA GLY A 276 -3.80 14.80 -2.08
C GLY A 276 -5.03 14.24 -1.43
N GLN A 277 -4.91 13.23 -0.56
CA GLN A 277 -6.09 12.72 0.13
C GLN A 277 -6.04 12.88 1.64
N LEU A 278 -4.88 13.27 2.22
CA LEU A 278 -4.72 13.34 3.67
C LEU A 278 -5.59 14.45 4.26
N ARG A 279 -6.57 14.07 5.07
CA ARG A 279 -7.48 15.04 5.71
C ARG A 279 -7.38 14.93 7.23
N LEU A 280 -6.20 15.23 7.78
CA LEU A 280 -5.96 14.98 9.19
C LEU A 280 -6.90 15.79 10.07
N ALA A 281 -7.00 17.09 9.81
CA ALA A 281 -7.80 17.95 10.69
C ALA A 281 -9.28 17.55 10.66
N GLU A 282 -9.81 17.29 9.47
CA GLU A 282 -11.20 16.87 9.40
C GLU A 282 -11.41 15.54 10.10
N ALA A 283 -10.47 14.59 9.94
CA ALA A 283 -10.57 13.30 10.63
C ALA A 283 -10.52 13.48 12.15
N LYS A 284 -9.54 14.24 12.65
CA LYS A 284 -9.50 14.55 14.08
C LYS A 284 -10.80 15.20 14.54
N ARG A 285 -11.40 16.03 13.69
CA ARG A 285 -12.66 16.66 14.06
C ARG A 285 -13.73 15.60 14.26
N ILE A 286 -13.85 14.66 13.32
CA ILE A 286 -14.86 13.62 13.41
C ILE A 286 -14.66 12.77 14.67
N VAL A 287 -13.42 12.49 15.02
CA VAL A 287 -13.14 11.73 16.24
C VAL A 287 -13.65 12.49 17.46
N LYS A 288 -13.31 13.78 17.55
CA LYS A 288 -13.77 14.57 18.69
C LYS A 288 -15.29 14.66 18.71
N LEU A 289 -15.91 14.75 17.54
CA LEU A 289 -17.37 14.87 17.50
C LEU A 289 -18.05 13.59 17.98
N LEU A 290 -17.63 12.45 17.42
CA LEU A 290 -18.15 11.16 17.87
C LEU A 290 -18.02 10.98 19.37
N LYS A 291 -16.88 11.38 19.94
CA LYS A 291 -16.73 11.27 21.40
C LYS A 291 -17.69 12.20 22.11
N LYS A 292 -17.94 13.39 21.57
CA LYS A 292 -18.90 14.30 22.20
C LYS A 292 -20.28 13.70 22.31
N HIS A 293 -20.63 12.75 21.43
CA HIS A 293 -21.93 12.09 21.47
C HIS A 293 -21.83 10.65 21.97
N GLY A 294 -20.98 10.41 22.96
CA GLY A 294 -20.99 9.17 23.70
C GLY A 294 -20.56 7.94 22.93
N ARG A 295 -19.90 8.11 21.79
CA ARG A 295 -19.39 7.01 20.99
C ARG A 295 -17.87 6.98 21.05
N GLU A 296 -17.32 5.78 20.91
CA GLU A 296 -15.88 5.63 20.86
C GLU A 296 -15.38 5.78 19.43
N ALA A 297 -14.26 6.47 19.26
CA ALA A 297 -13.74 6.70 17.93
C ALA A 297 -12.22 6.71 17.99
N ARG A 298 -11.61 6.09 16.99
CA ARG A 298 -10.17 5.97 16.88
C ARG A 298 -9.73 6.34 15.48
N LEU A 299 -8.74 7.23 15.38
CA LEU A 299 -8.21 7.64 14.08
C LEU A 299 -7.28 6.56 13.53
N ILE A 300 -7.48 6.21 12.25
CA ILE A 300 -6.75 5.12 11.62
C ILE A 300 -6.02 5.67 10.39
N VAL A 301 -4.72 5.41 10.32
CA VAL A 301 -3.87 5.87 9.23
C VAL A 301 -3.63 4.70 8.28
N MET A 302 -3.92 4.91 7.00
CA MET A 302 -3.62 3.90 5.98
C MET A 302 -3.10 4.60 4.74
N ASN A 303 -2.68 3.80 3.75
CA ASN A 303 -2.44 4.35 2.42
C ASN A 303 -3.61 3.99 1.52
N ASP A 304 -3.61 2.76 1.01
CA ASP A 304 -4.77 2.24 0.31
C ASP A 304 -5.80 1.80 1.33
N VAL A 305 -7.01 2.33 1.21
CA VAL A 305 -8.08 2.14 2.17
C VAL A 305 -8.94 0.95 1.72
N ASN A 306 -8.88 -0.16 2.44
CA ASN A 306 -9.80 -1.26 2.15
C ASN A 306 -10.13 -2.04 3.43
N TYR A 307 -11.28 -2.70 3.39
CA TYR A 307 -11.84 -3.30 4.59
C TYR A 307 -10.98 -4.46 5.11
N HIS A 308 -10.50 -5.33 4.22
CA HIS A 308 -9.78 -6.53 4.65
C HIS A 308 -8.69 -6.24 5.67
N LYS A 309 -7.99 -5.11 5.50
CA LYS A 309 -6.92 -4.78 6.43
C LYS A 309 -7.44 -4.48 7.82
N LEU A 310 -8.68 -4.03 7.94
CA LEU A 310 -9.26 -3.58 9.20
C LEU A 310 -10.13 -4.61 9.91
N GLU A 311 -10.46 -5.74 9.28
CA GLU A 311 -11.54 -6.57 9.82
C GLU A 311 -11.18 -7.24 11.16
N GLY A 312 -9.89 -7.38 11.48
CA GLY A 312 -9.51 -7.80 12.81
C GLY A 312 -9.79 -6.76 13.91
N PHE A 313 -9.99 -5.49 13.55
CA PHE A 313 -10.26 -4.47 14.56
C PHE A 313 -11.68 -4.63 15.11
N PRO A 314 -11.91 -4.18 16.35
CA PRO A 314 -13.22 -4.38 16.99
C PRO A 314 -14.27 -3.32 16.66
N PHE A 315 -13.93 -2.35 15.82
CA PHE A 315 -14.85 -1.25 15.53
C PHE A 315 -16.11 -1.77 14.83
N GLU A 316 -17.25 -1.17 15.17
CA GLU A 316 -18.52 -1.59 14.61
C GLU A 316 -18.88 -0.87 13.32
N ALA A 317 -18.37 0.35 13.12
CA ALA A 317 -18.59 1.08 11.88
C ALA A 317 -17.39 1.97 11.58
N TYR A 318 -17.24 2.31 10.30
CA TYR A 318 -16.10 3.07 9.83
C TYR A 318 -16.51 4.40 9.21
N VAL A 319 -15.63 5.38 9.34
CA VAL A 319 -15.75 6.66 8.67
C VAL A 319 -14.49 6.86 7.85
N VAL A 320 -14.65 6.90 6.53
CA VAL A 320 -13.56 7.24 5.63
C VAL A 320 -13.53 8.76 5.47
N VAL A 321 -12.44 9.37 5.92
CA VAL A 321 -12.19 10.80 5.70
C VAL A 321 -11.05 10.93 4.69
N ALA A 322 -11.33 10.53 3.46
CA ALA A 322 -10.31 10.60 2.42
C ALA A 322 -11.01 10.76 1.08
N CYS A 323 -10.68 9.92 0.13
CA CYS A 323 -11.43 9.90 -1.12
C CYS A 323 -12.83 9.37 -0.85
N PRO A 324 -13.89 10.14 -1.12
CA PRO A 324 -15.26 9.66 -0.82
C PRO A 324 -15.74 8.56 -1.76
N ARG A 325 -15.06 8.31 -2.88
CA ARG A 325 -15.44 7.21 -3.76
C ARG A 325 -15.29 5.84 -3.08
N VAL A 326 -14.56 5.76 -1.99
CA VAL A 326 -14.36 4.49 -1.30
C VAL A 326 -15.62 4.11 -0.53
N PRO A 327 -16.15 4.93 0.39
CA PRO A 327 -17.42 4.54 1.03
C PRO A 327 -18.63 4.66 0.12
N LEU A 328 -18.64 5.63 -0.81
CA LEU A 328 -19.84 5.89 -1.61
C LEU A 328 -19.95 4.99 -2.82
N ASP A 329 -18.84 4.42 -3.29
CA ASP A 329 -18.86 3.56 -4.46
C ASP A 329 -18.43 2.14 -4.10
N ASP A 330 -18.67 1.73 -2.85
CA ASP A 330 -18.32 0.40 -2.35
C ASP A 330 -19.07 -0.66 -3.14
N TYR A 331 -18.33 -1.45 -3.93
CA TYR A 331 -18.94 -2.51 -4.72
C TYR A 331 -19.49 -3.63 -3.86
N GLY A 332 -19.10 -3.70 -2.59
CA GLY A 332 -19.61 -4.73 -1.70
C GLY A 332 -18.60 -5.28 -0.73
N ALA A 333 -17.42 -4.66 -0.67
CA ALA A 333 -16.34 -5.23 0.13
C ALA A 333 -16.46 -4.87 1.62
N TRP A 334 -17.09 -3.76 1.97
CA TRP A 334 -17.21 -3.34 3.36
C TRP A 334 -18.32 -4.13 4.04
N ARG A 335 -17.95 -4.97 5.01
CA ARG A 335 -18.91 -5.79 5.73
C ARG A 335 -19.40 -5.13 7.02
N LYS A 336 -18.88 -3.96 7.35
CA LYS A 336 -19.41 -3.11 8.39
C LYS A 336 -19.83 -1.80 7.74
N PRO A 337 -20.74 -1.05 8.37
CA PRO A 337 -21.13 0.26 7.82
C PRO A 337 -19.91 1.14 7.65
N VAL A 338 -19.78 1.70 6.45
CA VAL A 338 -18.72 2.66 6.15
C VAL A 338 -19.37 3.98 5.74
N LEU A 339 -18.92 5.09 6.32
CA LEU A 339 -19.58 6.40 6.13
C LEU A 339 -18.58 7.47 5.74
N THR A 340 -19.11 8.57 5.09
CA THR A 340 -18.40 9.82 4.84
C THR A 340 -18.52 10.75 6.06
N PRO A 341 -17.66 11.76 6.15
CA PRO A 341 -17.85 12.76 7.22
C PRO A 341 -19.23 13.40 7.19
N LYS A 342 -19.72 13.75 5.98
CA LYS A 342 -21.05 14.34 5.86
C LYS A 342 -22.12 13.43 6.45
N GLU A 343 -22.06 12.13 6.15
CA GLU A 343 -23.07 11.21 6.67
C GLU A 343 -22.99 11.06 8.17
N VAL A 344 -21.78 11.10 8.74
CA VAL A 344 -21.61 11.06 10.18
C VAL A 344 -22.40 12.17 10.85
N GLU A 345 -22.36 13.37 10.29
CA GLU A 345 -23.05 14.50 10.92
C GLU A 345 -24.56 14.31 10.88
N ILE A 346 -25.06 13.61 9.87
CA ILE A 346 -26.47 13.22 9.90
C ILE A 346 -26.71 12.21 11.01
N LEU A 347 -25.80 11.23 11.15
CA LEU A 347 -25.97 10.18 12.15
C LEU A 347 -26.06 10.77 13.54
N LEU A 348 -25.11 11.62 13.91
CA LEU A 348 -25.15 12.26 15.21
C LEU A 348 -26.27 13.27 15.34
N GLY A 349 -26.97 13.58 14.25
CA GLY A 349 -28.08 14.51 14.28
C GLY A 349 -27.62 15.95 14.25
N LEU A 350 -26.72 16.27 13.32
CA LEU A 350 -26.16 17.62 13.20
C LEU A 350 -26.37 18.20 11.81
N ARG A 351 -27.29 17.62 11.04
CA ARG A 351 -27.46 17.95 9.63
C ARG A 351 -28.73 17.27 9.12
N GLU A 352 -29.58 18.02 8.44
CA GLU A 352 -30.88 17.48 8.03
C GLU A 352 -30.89 16.96 6.60
N GLU A 353 -30.17 17.60 5.69
CA GLU A 353 -30.19 17.25 4.27
C GLU A 353 -28.92 16.48 3.93
N TYR A 354 -28.99 15.69 2.85
CA TYR A 354 -27.82 14.94 2.42
C TYR A 354 -26.87 15.83 1.64
N GLU A 355 -25.63 15.88 2.06
CA GLU A 355 -24.58 16.64 1.39
C GLU A 355 -23.48 15.69 0.93
N PHE A 356 -23.11 15.80 -0.34
CA PHE A 356 -22.01 15.03 -0.90
C PHE A 356 -20.67 15.47 -0.31
N ASP A 357 -19.84 14.48 0.03
CA ASP A 357 -18.52 14.72 0.58
C ASP A 357 -17.57 15.05 -0.57
N GLU A 358 -17.07 16.27 -0.60
CA GLU A 358 -16.13 16.68 -1.64
C GLU A 358 -14.80 17.02 -0.99
N ILE A 359 -13.73 16.83 -1.75
CA ILE A 359 -12.42 17.33 -1.36
C ILE A 359 -12.21 18.61 -2.15
N LEU A 360 -12.24 19.75 -1.47
CA LEU A 360 -12.19 21.04 -2.14
C LEU A 360 -10.80 21.66 -2.09
N GLY A 361 -10.44 22.34 -3.17
CA GLY A 361 -9.20 23.10 -3.25
C GLY A 361 -9.41 24.60 -3.04
N GLY A 362 -8.38 25.36 -3.41
CA GLY A 362 -8.41 26.81 -3.31
C GLY A 362 -8.47 27.48 -4.68
N PRO A 363 -8.43 28.81 -4.69
CA PRO A 363 -8.36 29.54 -5.98
C PRO A 363 -7.26 28.99 -6.87
N ARG A 364 -7.59 28.72 -8.13
CA ARG A 364 -6.61 28.33 -9.14
C ARG A 364 -6.37 29.52 -10.05
N GLU A 365 -5.19 30.12 -9.97
CA GLU A 365 -4.93 31.34 -10.72
C GLU A 365 -4.61 31.08 -12.19
N SER A 366 -4.23 29.85 -12.56
CA SER A 366 -3.89 29.49 -13.93
C SER A 366 -4.65 28.25 -14.36
N ASP A 367 -4.52 27.89 -15.64
CA ASP A 367 -5.08 26.66 -16.17
C ASP A 367 -3.95 25.78 -16.73
N GLU A 368 -4.13 24.47 -16.61
CA GLU A 368 -3.15 23.53 -17.13
C GLU A 368 -3.22 23.48 -18.65
N PRO A 369 -2.11 23.19 -19.32
CA PRO A 369 -2.15 23.02 -20.78
C PRO A 369 -2.98 21.82 -21.21
N PHE A 370 -3.34 21.83 -22.49
CA PHE A 370 -3.95 20.66 -23.14
C PHE A 370 -2.83 19.87 -23.82
N GLY A 371 -2.06 19.20 -22.98
CA GLY A 371 -0.78 18.65 -23.35
C GLY A 371 -0.01 18.34 -22.09
N ILE A 372 1.29 18.09 -22.23
CA ILE A 372 2.08 17.73 -21.06
C ILE A 372 2.40 18.98 -20.25
N SER A 373 2.58 18.81 -18.95
CA SER A 373 2.95 19.91 -18.06
C SER A 373 4.10 19.46 -17.19
N ILE A 374 4.91 20.41 -16.76
CA ILE A 374 6.02 20.14 -15.85
C ILE A 374 5.88 21.06 -14.65
N HIS A 375 5.95 20.47 -13.44
CA HIS A 375 5.75 21.18 -12.19
C HIS A 375 6.83 20.79 -11.21
N SER A 376 7.39 21.78 -10.51
CA SER A 376 8.33 21.56 -9.42
C SER A 376 8.08 22.60 -8.36
N THR A 377 8.24 22.21 -7.09
CA THR A 377 8.00 23.14 -5.99
C THR A 377 9.06 22.98 -4.90
N MET B 37 -2.79 -18.21 22.76
CA MET B 37 -2.62 -17.35 23.93
C MET B 37 -1.16 -16.91 24.02
N LEU B 38 -0.95 -15.60 24.11
CA LEU B 38 0.36 -15.02 24.32
C LEU B 38 0.44 -14.46 25.74
N HIS B 39 1.63 -14.04 26.12
CA HIS B 39 1.76 -13.26 27.34
C HIS B 39 1.19 -11.85 27.12
N GLU B 40 0.57 -11.31 28.17
CA GLU B 40 -0.22 -10.09 28.05
C GLU B 40 0.69 -8.89 27.75
N ILE B 41 0.17 -7.98 26.93
CA ILE B 41 0.90 -6.73 26.65
C ILE B 41 1.21 -5.99 27.95
N PRO B 42 2.42 -5.48 28.13
CA PRO B 42 2.73 -4.75 29.35
C PRO B 42 2.45 -3.27 29.17
N LYS B 43 1.19 -2.90 29.44
CA LYS B 43 0.73 -1.53 29.25
C LYS B 43 1.51 -0.56 30.13
N SER B 44 1.71 -0.92 31.41
CA SER B 44 2.39 -0.04 32.35
C SER B 44 3.81 0.29 31.89
N GLU B 45 4.53 -0.71 31.39
CA GLU B 45 5.92 -0.48 30.99
C GLU B 45 6.00 0.43 29.78
N ILE B 46 5.08 0.27 28.82
CA ILE B 46 5.10 1.08 27.61
C ILE B 46 4.79 2.53 27.93
N LEU B 47 3.72 2.77 28.70
CA LEU B 47 3.34 4.12 29.07
C LEU B 47 4.48 4.85 29.77
N LYS B 48 5.18 4.16 30.68
CA LYS B 48 6.26 4.79 31.41
C LYS B 48 7.39 5.21 30.47
N GLU B 49 7.68 4.40 29.46
CA GLU B 49 8.73 4.75 28.51
C GLU B 49 8.36 5.96 27.68
N LEU B 50 7.07 6.06 27.30
CA LEU B 50 6.60 7.21 26.54
C LEU B 50 6.70 8.48 27.37
N LYS B 51 6.24 8.42 28.62
CA LYS B 51 6.36 9.59 29.49
C LYS B 51 7.82 9.92 29.76
N ARG B 52 8.70 8.91 29.78
CA ARG B 52 10.13 9.17 29.96
C ARG B 52 10.67 10.04 28.84
N ILE B 53 10.09 9.95 27.65
CA ILE B 53 10.50 10.77 26.51
C ILE B 53 9.48 11.86 26.20
N GLY B 54 8.44 12.00 27.02
CA GLY B 54 7.42 13.03 26.80
C GLY B 54 6.63 12.89 25.52
N ALA B 55 6.25 11.65 25.15
CA ALA B 55 5.45 11.46 23.95
C ALA B 55 4.01 11.90 24.17
N LYS B 56 3.50 12.74 23.25
CA LYS B 56 2.11 13.18 23.30
C LYS B 56 1.21 12.54 22.25
N ARG B 57 1.76 12.10 21.12
CA ARG B 57 0.95 11.50 20.06
C ARG B 57 1.72 10.30 19.48
N VAL B 58 1.15 9.10 19.57
CA VAL B 58 1.86 7.92 19.11
C VAL B 58 1.06 7.19 18.05
N LEU B 59 1.79 6.52 17.16
CA LEU B 59 1.23 5.62 16.17
C LEU B 59 1.55 4.18 16.58
N ILE B 60 0.57 3.30 16.45
CA ILE B 60 0.73 1.88 16.80
C ILE B 60 0.48 1.06 15.56
N GLN B 61 1.49 0.27 15.15
CA GLN B 61 1.29 -0.79 14.18
C GLN B 61 1.18 -2.14 14.88
N SER B 62 0.45 -3.04 14.25
CA SER B 62 0.18 -4.36 14.79
C SER B 62 0.12 -5.35 13.64
N PRO B 63 0.47 -6.62 13.89
CA PRO B 63 0.29 -7.68 12.88
C PRO B 63 -1.11 -8.28 12.91
N GLU B 64 -1.35 -9.26 12.04
CA GLU B 64 -2.67 -9.86 11.88
C GLU B 64 -3.24 -10.32 13.23
N GLY B 65 -2.42 -10.99 14.03
CA GLY B 65 -2.92 -11.52 15.28
C GLY B 65 -3.36 -10.45 16.28
N LEU B 66 -2.62 -9.34 16.33
CA LEU B 66 -2.71 -8.43 17.47
C LEU B 66 -3.60 -7.21 17.21
N ARG B 67 -4.66 -7.38 16.42
CA ARG B 67 -5.50 -6.23 16.08
C ARG B 67 -6.34 -5.81 17.27
N ARG B 68 -6.95 -6.78 17.96
CA ARG B 68 -7.73 -6.47 19.15
C ARG B 68 -6.84 -5.90 20.25
N GLU B 69 -5.59 -6.38 20.35
CA GLU B 69 -4.68 -5.89 21.38
C GLU B 69 -4.24 -4.45 21.09
N ALA B 70 -4.04 -4.12 19.80
CA ALA B 70 -3.66 -2.76 19.42
C ALA B 70 -4.65 -1.74 19.96
N GLU B 71 -5.94 -1.98 19.78
CA GLU B 71 -6.93 -1.03 20.23
C GLU B 71 -7.07 -1.06 21.76
N GLU B 72 -6.85 -2.21 22.38
CA GLU B 72 -6.81 -2.27 23.83
C GLU B 72 -5.71 -1.38 24.38
N LEU B 73 -4.55 -1.38 23.74
CA LEU B 73 -3.46 -0.51 24.18
C LEU B 73 -3.80 0.95 23.88
N ALA B 74 -4.46 1.22 22.75
CA ALA B 74 -4.79 2.59 22.39
C ALA B 74 -5.70 3.21 23.45
N GLY B 75 -6.75 2.49 23.86
CA GLY B 75 -7.63 3.02 24.88
C GLY B 75 -6.91 3.31 26.18
N PHE B 76 -6.01 2.42 26.58
CA PHE B 76 -5.29 2.62 27.84
C PHE B 76 -4.34 3.81 27.77
N LEU B 77 -3.59 3.94 26.68
CA LEU B 77 -2.73 5.10 26.52
C LEU B 77 -3.56 6.38 26.46
N GLU B 78 -4.70 6.36 25.75
CA GLU B 78 -5.55 7.55 25.64
C GLU B 78 -6.11 7.97 26.99
N GLU B 79 -6.63 7.01 27.76
CA GLU B 79 -7.09 7.30 29.12
C GLU B 79 -5.98 7.81 30.02
N ASN B 80 -4.72 7.77 29.58
CA ASN B 80 -3.60 8.38 30.28
C ASN B 80 -3.09 9.64 29.56
N ASN B 81 -4.01 10.35 28.89
CA ASN B 81 -3.73 11.63 28.24
C ASN B 81 -2.63 11.51 27.18
N ILE B 82 -2.73 10.48 26.34
CA ILE B 82 -1.83 10.33 25.19
C ILE B 82 -2.67 10.05 23.94
N GLU B 83 -2.64 10.97 22.99
CA GLU B 83 -3.36 10.76 21.73
C GLU B 83 -2.74 9.58 20.97
N VAL B 84 -3.59 8.68 20.49
CA VAL B 84 -3.13 7.46 19.81
C VAL B 84 -3.83 7.32 18.47
N PHE B 85 -3.04 7.11 17.42
CA PHE B 85 -3.53 6.71 16.10
C PHE B 85 -3.21 5.24 15.87
N LEU B 86 -4.10 4.52 15.20
CA LEU B 86 -3.85 3.16 14.77
C LEU B 86 -3.40 3.13 13.31
N HIS B 87 -2.43 2.26 13.03
CA HIS B 87 -2.01 2.01 11.66
C HIS B 87 -2.93 0.93 11.08
N GLY B 88 -3.57 1.23 9.97
CA GLY B 88 -4.51 0.30 9.38
C GLY B 88 -3.89 -0.76 8.49
N GLU B 89 -2.63 -0.61 8.12
CA GLU B 89 -1.96 -1.67 7.39
C GLU B 89 -1.77 -2.88 8.29
N ILE B 90 -1.72 -4.07 7.67
CA ILE B 90 -1.28 -5.27 8.38
C ILE B 90 0.24 -5.24 8.34
N ASN B 91 0.88 -5.09 9.50
CA ASN B 91 2.33 -5.16 9.55
C ASN B 91 2.80 -6.62 9.51
N TYR B 92 3.90 -6.87 8.78
CA TYR B 92 4.41 -8.23 8.58
C TYR B 92 5.83 -8.43 9.06
N GLY B 93 6.42 -7.46 9.76
CA GLY B 93 7.78 -7.62 10.25
C GLY B 93 8.42 -6.32 10.71
N ALA B 94 9.35 -6.41 11.66
CA ALA B 94 10.10 -5.22 12.06
C ALA B 94 10.94 -4.65 10.92
N CYS B 95 11.09 -5.38 9.81
CA CYS B 95 11.70 -4.83 8.61
C CYS B 95 10.85 -3.73 7.98
N ASP B 96 9.67 -3.47 8.52
CA ASP B 96 8.76 -2.44 8.02
C ASP B 96 8.20 -1.58 9.16
N PRO B 97 9.06 -0.84 9.86
CA PRO B 97 8.55 0.15 10.81
C PRO B 97 7.74 1.24 10.09
N ALA B 98 6.71 1.73 10.75
CA ALA B 98 5.89 2.80 10.19
C ALA B 98 6.34 4.16 10.69
N ASP B 99 7.66 4.34 10.82
CA ASP B 99 8.18 5.55 11.40
C ASP B 99 8.02 6.74 10.45
N ARG B 100 8.17 6.53 9.13
CA ARG B 100 7.90 7.63 8.19
C ARG B 100 6.45 8.08 8.25
N GLU B 101 5.53 7.11 8.28
CA GLU B 101 4.11 7.44 8.39
C GLU B 101 3.81 8.19 9.67
N ALA B 102 4.44 7.78 10.78
CA ALA B 102 4.21 8.46 12.05
C ALA B 102 4.64 9.92 11.97
N LYS B 103 5.84 10.18 11.43
CA LYS B 103 6.31 11.53 11.20
C LYS B 103 5.33 12.34 10.36
N LEU B 104 4.64 11.68 9.42
CA LEU B 104 3.79 12.42 8.50
C LEU B 104 2.53 12.92 9.21
N VAL B 105 1.93 12.09 10.06
CA VAL B 105 0.68 12.47 10.71
C VAL B 105 0.94 13.14 12.06
N GLY B 106 2.19 13.56 12.28
CA GLY B 106 2.53 14.35 13.45
C GLY B 106 2.78 13.59 14.74
N CYS B 107 2.90 12.26 14.70
CA CYS B 107 3.20 11.50 15.90
C CYS B 107 4.67 11.68 16.28
N ASP B 108 4.94 11.79 17.58
CA ASP B 108 6.32 11.86 18.04
C ASP B 108 6.90 10.51 18.48
N ALA B 109 6.13 9.42 18.41
CA ALA B 109 6.68 8.11 18.77
C ALA B 109 5.89 7.02 18.06
N LEU B 110 6.53 5.87 17.90
CA LEU B 110 5.96 4.72 17.22
C LEU B 110 6.01 3.52 18.14
N ILE B 111 4.89 2.81 18.26
CA ILE B 111 4.82 1.55 19.00
C ILE B 111 4.65 0.43 17.98
N HIS B 112 5.64 -0.47 17.94
CA HIS B 112 5.64 -1.58 16.98
C HIS B 112 5.29 -2.85 17.75
N LEU B 113 4.06 -3.33 17.57
CA LEU B 113 3.56 -4.48 18.29
C LEU B 113 4.01 -5.78 17.65
N GLY B 114 4.45 -6.72 18.49
CA GLY B 114 4.60 -8.11 18.11
C GLY B 114 5.93 -8.48 17.50
N HIS B 115 6.86 -7.56 17.36
CA HIS B 115 8.14 -7.90 16.78
C HIS B 115 9.25 -7.26 17.58
N SER B 116 10.44 -7.82 17.44
CA SER B 116 11.64 -7.32 18.07
C SER B 116 12.41 -6.47 17.07
N TYR B 117 13.18 -5.54 17.60
CA TYR B 117 13.93 -4.61 16.76
C TYR B 117 14.99 -5.32 15.93
N MET B 118 15.12 -4.88 14.68
CA MET B 118 16.29 -5.18 13.84
C MET B 118 16.92 -3.86 13.42
N LYS B 119 18.26 -3.88 13.32
CA LYS B 119 19.00 -2.62 13.12
C LYS B 119 18.52 -1.84 11.91
N LEU B 120 17.90 -0.68 12.16
CA LEU B 120 17.29 0.17 11.14
C LEU B 120 17.38 1.64 11.55
N PRO B 121 17.60 2.53 10.59
CA PRO B 121 17.44 3.97 10.87
C PRO B 121 15.99 4.29 11.17
N LEU B 122 15.75 4.89 12.34
CA LEU B 122 14.40 5.21 12.77
C LEU B 122 14.21 6.71 12.84
N GLU B 123 13.07 7.18 12.36
CA GLU B 123 12.85 8.62 12.30
C GLU B 123 12.11 9.16 13.51
N VAL B 124 11.40 8.31 14.25
CA VAL B 124 10.81 8.71 15.52
C VAL B 124 11.21 7.66 16.55
N PRO B 125 11.30 8.02 17.83
CA PRO B 125 11.53 6.99 18.86
C PRO B 125 10.50 5.89 18.74
N THR B 126 10.97 4.65 18.73
CA THR B 126 10.12 3.48 18.50
C THR B 126 10.27 2.48 19.65
N ILE B 127 9.13 1.96 20.10
CA ILE B 127 9.05 0.99 21.19
C ILE B 127 8.64 -0.34 20.59
N PHE B 128 9.50 -1.34 20.71
CA PHE B 128 9.20 -2.66 20.18
C PHE B 128 8.59 -3.53 21.27
N VAL B 129 7.57 -4.29 20.92
CA VAL B 129 6.82 -5.10 21.89
C VAL B 129 6.75 -6.56 21.42
N PRO B 130 7.79 -7.35 21.62
CA PRO B 130 7.73 -8.76 21.19
C PRO B 130 6.56 -9.50 21.81
N ALA B 131 5.93 -10.35 21.02
CA ALA B 131 4.93 -11.29 21.51
C ALA B 131 5.63 -12.59 21.86
N PHE B 132 5.38 -13.11 23.06
CA PHE B 132 5.93 -14.40 23.49
C PHE B 132 4.78 -15.36 23.78
N ALA B 133 4.89 -16.57 23.25
CA ALA B 133 3.84 -17.56 23.43
C ALA B 133 3.93 -18.21 24.80
N ARG B 134 2.77 -18.51 25.39
CA ARG B 134 2.75 -19.21 26.67
C ARG B 134 3.16 -20.68 26.54
N VAL B 135 2.89 -21.30 25.38
CA VAL B 135 2.94 -22.76 25.26
C VAL B 135 4.32 -23.30 25.64
N SER B 136 4.33 -24.45 26.32
CA SER B 136 5.56 -25.01 26.88
C SER B 136 6.36 -25.75 25.81
N VAL B 137 7.54 -25.23 25.50
CA VAL B 137 8.39 -25.85 24.48
C VAL B 137 8.95 -27.18 24.97
N VAL B 138 9.35 -27.26 26.24
CA VAL B 138 10.00 -28.46 26.76
C VAL B 138 9.04 -29.65 26.75
N GLU B 139 7.74 -29.40 26.99
CA GLU B 139 6.75 -30.47 26.85
C GLU B 139 6.76 -31.03 25.43
N ALA B 140 6.93 -30.16 24.42
CA ALA B 140 6.99 -30.68 23.06
C ALA B 140 8.25 -31.51 22.84
N LEU B 141 9.39 -31.04 23.37
CA LEU B 141 10.62 -31.80 23.20
C LEU B 141 10.52 -33.16 23.87
N LYS B 142 9.90 -33.23 25.07
CA LYS B 142 9.84 -34.47 25.84
C LYS B 142 9.06 -35.55 25.10
N GLU B 143 8.01 -35.14 24.37
CA GLU B 143 7.23 -36.06 23.56
C GLU B 143 8.01 -36.63 22.37
N ASN B 144 9.14 -36.01 22.00
CA ASN B 144 9.83 -36.34 20.76
C ASN B 144 11.31 -36.60 20.95
N ILE B 145 11.74 -36.89 22.18
CA ILE B 145 13.13 -37.24 22.48
C ILE B 145 13.71 -38.20 21.45
N GLY B 146 13.04 -39.35 21.25
CA GLY B 146 13.55 -40.34 20.32
C GLY B 146 13.84 -39.77 18.95
N GLU B 147 12.90 -38.98 18.41
CA GLU B 147 13.15 -38.39 17.09
C GLU B 147 14.36 -37.46 17.12
N ILE B 148 14.51 -36.67 18.20
CA ILE B 148 15.62 -35.72 18.30
C ILE B 148 16.96 -36.44 18.34
N LYS B 149 17.02 -37.59 19.04
CA LYS B 149 18.28 -38.34 19.09
C LYS B 149 18.79 -38.70 17.70
N LYS B 150 17.88 -38.93 16.74
CA LYS B 150 18.32 -39.24 15.38
C LYS B 150 19.07 -38.10 14.72
N LEU B 151 19.01 -36.88 15.27
CA LEU B 151 19.70 -35.75 14.65
C LEU B 151 21.20 -35.84 14.85
N GLY B 152 21.61 -36.22 16.04
CA GLY B 152 23.03 -36.28 16.35
C GLY B 152 23.26 -35.93 17.81
N ARG B 153 24.53 -35.89 18.23
CA ARG B 153 24.88 -35.51 19.59
C ARG B 153 25.05 -34.00 19.71
N LYS B 154 25.94 -33.43 18.89
CA LYS B 154 26.06 -31.98 18.79
C LYS B 154 25.05 -31.48 17.78
N ILE B 155 24.01 -30.80 18.26
CA ILE B 155 22.90 -30.35 17.43
C ILE B 155 22.81 -28.82 17.48
N ILE B 156 22.29 -28.25 16.39
CA ILE B 156 22.03 -26.81 16.28
C ILE B 156 20.55 -26.57 16.59
N VAL B 157 20.27 -25.65 17.50
CA VAL B 157 18.89 -25.41 17.93
C VAL B 157 18.47 -24.00 17.51
N THR B 158 17.26 -23.88 16.96
CA THR B 158 16.74 -22.61 16.46
C THR B 158 15.25 -22.51 16.77
N THR B 159 14.77 -21.27 16.90
CA THR B 159 13.35 -21.02 17.12
C THR B 159 13.00 -19.65 16.55
N THR B 160 11.70 -19.33 16.60
CA THR B 160 11.20 -18.03 16.19
C THR B 160 10.95 -17.16 17.40
N ALA B 161 10.56 -15.90 17.13
CA ALA B 161 10.41 -14.90 18.19
C ALA B 161 9.42 -15.32 19.29
N GLN B 162 8.35 -16.04 18.95
CA GLN B 162 7.33 -16.38 19.94
C GLN B 162 7.78 -17.40 20.99
N HIS B 163 8.93 -18.05 20.78
CA HIS B 163 9.42 -19.05 21.73
C HIS B 163 10.84 -18.76 22.20
N ILE B 164 11.42 -17.61 21.79
CA ILE B 164 12.81 -17.30 22.13
C ILE B 164 13.02 -17.24 23.63
N HIS B 165 12.01 -16.80 24.40
CA HIS B 165 12.09 -16.62 25.84
C HIS B 165 12.13 -17.95 26.59
N GLN B 166 11.81 -19.06 25.91
CA GLN B 166 11.98 -20.39 26.46
C GLN B 166 13.16 -21.12 25.81
N LEU B 167 14.04 -20.41 25.11
CA LEU B 167 15.15 -21.09 24.45
C LEU B 167 16.18 -21.57 25.46
N LYS B 168 16.40 -20.80 26.53
CA LYS B 168 17.32 -21.22 27.57
C LYS B 168 16.86 -22.54 28.21
N GLU B 169 15.58 -22.65 28.57
CA GLU B 169 15.07 -23.89 29.16
C GLU B 169 15.22 -25.06 28.20
N ALA B 170 14.89 -24.86 26.92
CA ALA B 170 15.00 -25.95 25.97
C ALA B 170 16.43 -26.44 25.87
N LYS B 171 17.40 -25.53 25.88
CA LYS B 171 18.79 -25.93 25.81
C LYS B 171 19.22 -26.69 27.07
N GLU B 172 18.78 -26.23 28.25
CA GLU B 172 19.10 -26.97 29.47
C GLU B 172 18.49 -28.36 29.43
N PHE B 173 17.25 -28.45 28.93
CA PHE B 173 16.62 -29.75 28.78
C PHE B 173 17.46 -30.66 27.89
N LEU B 174 17.78 -30.19 26.70
CA LEU B 174 18.50 -31.00 25.73
C LEU B 174 19.87 -31.40 26.25
N GLU B 175 20.56 -30.50 26.96
CA GLU B 175 21.86 -30.91 27.47
C GLU B 175 21.72 -31.96 28.56
N SER B 176 20.57 -31.98 29.26
CA SER B 176 20.30 -33.02 30.22
C SER B 176 19.96 -34.35 29.54
N GLU B 177 19.62 -34.32 28.25
CA GLU B 177 19.40 -35.52 27.46
C GLU B 177 20.65 -35.96 26.70
N GLY B 178 21.82 -35.38 26.99
CA GLY B 178 23.06 -35.81 26.38
C GLY B 178 23.47 -35.09 25.11
N PHE B 179 22.73 -34.07 24.68
CA PHE B 179 23.08 -33.28 23.51
C PHE B 179 24.08 -32.18 23.84
N GLU B 180 24.94 -31.88 22.90
CA GLU B 180 25.70 -30.64 22.92
C GLU B 180 24.93 -29.61 22.08
N VAL B 181 24.45 -28.55 22.73
CA VAL B 181 23.58 -27.58 22.05
C VAL B 181 24.41 -26.43 21.51
N SER B 182 24.32 -26.21 20.20
CA SER B 182 25.06 -25.18 19.50
C SER B 182 24.05 -24.13 19.07
N ILE B 183 24.25 -22.89 19.52
CA ILE B 183 23.35 -21.78 19.20
C ILE B 183 24.13 -20.58 18.68
N GLY B 184 23.75 -20.09 17.50
CA GLY B 184 24.47 -19.00 16.86
C GLY B 184 23.94 -17.62 17.25
N ARG B 185 24.86 -16.64 17.31
CA ARG B 185 24.41 -15.28 17.57
C ARG B 185 23.56 -14.76 16.40
N GLY B 186 24.01 -14.97 15.16
CA GLY B 186 23.37 -14.34 14.03
C GLY B 186 23.72 -12.86 13.90
N ASP B 187 23.22 -12.24 12.82
CA ASP B 187 23.68 -10.91 12.40
C ASP B 187 22.71 -9.80 12.86
N SER B 188 22.84 -8.60 12.28
CA SER B 188 22.08 -7.47 12.77
C SER B 188 20.60 -7.52 12.41
N ARG B 189 20.20 -8.32 11.40
CA ARG B 189 18.78 -8.57 11.20
C ARG B 189 18.16 -9.38 12.33
N ILE B 190 18.95 -9.97 13.20
CA ILE B 190 18.46 -10.88 14.23
C ILE B 190 18.47 -10.16 15.56
N SER B 191 17.55 -10.55 16.46
CA SER B 191 17.34 -9.85 17.72
C SER B 191 17.91 -10.57 18.92
N TRP B 192 17.98 -11.90 18.89
CA TRP B 192 18.53 -12.76 19.94
C TRP B 192 19.19 -13.98 19.33
N PRO B 193 20.27 -14.48 19.95
CA PRO B 193 20.88 -15.74 19.51
C PRO B 193 19.82 -16.83 19.35
N GLY B 194 19.96 -17.60 18.28
CA GLY B 194 19.05 -18.71 18.02
C GLY B 194 17.73 -18.36 17.36
N GLN B 195 17.43 -17.08 17.17
CA GLN B 195 16.21 -16.67 16.48
C GLN B 195 16.39 -16.74 14.96
N VAL B 196 15.42 -17.33 14.27
CA VAL B 196 15.38 -17.34 12.81
C VAL B 196 14.22 -16.48 12.34
N LEU B 197 14.43 -15.82 11.20
CA LEU B 197 13.37 -15.17 10.45
C LEU B 197 13.15 -15.93 9.15
N GLY B 198 12.00 -15.67 8.52
CA GLY B 198 11.74 -16.26 7.22
C GLY B 198 12.78 -15.90 6.16
N CYS B 199 13.54 -14.82 6.38
CA CYS B 199 14.51 -14.34 5.41
C CYS B 199 15.95 -14.35 5.91
N ASN B 200 16.22 -14.94 7.08
CA ASN B 200 17.58 -14.88 7.65
C ASN B 200 17.81 -16.06 8.57
N TYR B 201 18.78 -16.92 8.22
CA TYR B 201 19.10 -18.09 9.03
C TYR B 201 20.53 -18.01 9.56
N SER B 202 21.01 -16.79 9.84
CA SER B 202 22.40 -16.62 10.26
C SER B 202 22.70 -17.34 11.58
N VAL B 203 21.70 -17.49 12.46
CA VAL B 203 21.96 -18.17 13.72
C VAL B 203 22.26 -19.65 13.52
N ALA B 204 21.86 -20.21 12.37
CA ALA B 204 22.09 -21.63 12.11
C ALA B 204 23.38 -21.91 11.36
N LYS B 205 24.11 -20.88 10.92
CA LYS B 205 25.38 -21.10 10.22
C LYS B 205 26.49 -21.29 11.26
N VAL B 206 26.45 -22.45 11.94
CA VAL B 206 27.45 -22.84 12.94
C VAL B 206 27.74 -24.33 12.80
N ARG B 207 28.64 -24.81 13.66
CA ARG B 207 29.02 -26.23 13.66
C ARG B 207 27.92 -27.10 14.23
N GLY B 208 27.67 -28.25 13.58
CA GLY B 208 26.67 -29.17 14.11
C GLY B 208 26.34 -30.36 13.22
N GLU B 209 25.78 -31.43 13.82
CA GLU B 209 25.39 -32.60 13.04
C GLU B 209 24.03 -32.42 12.40
N GLY B 210 23.16 -31.60 12.99
CA GLY B 210 21.83 -31.39 12.45
C GLY B 210 21.13 -30.25 13.16
N ILE B 211 20.05 -29.78 12.53
CA ILE B 211 19.29 -28.64 13.01
C ILE B 211 18.00 -29.11 13.65
N LEU B 212 17.74 -28.61 14.85
CA LEU B 212 16.41 -28.68 15.44
C LEU B 212 15.71 -27.34 15.27
N PHE B 213 14.46 -27.37 14.82
CA PHE B 213 13.65 -26.16 14.70
C PHE B 213 12.41 -26.25 15.56
N ILE B 214 12.23 -25.27 16.44
CA ILE B 214 11.10 -25.23 17.35
C ILE B 214 10.16 -24.10 16.92
N GLY B 215 9.02 -24.46 16.38
CA GLY B 215 7.99 -23.52 16.00
C GLY B 215 7.01 -24.22 15.08
N SER B 216 5.99 -23.45 14.69
CA SER B 216 4.99 -24.00 13.79
C SER B 216 5.34 -23.69 12.34
N GLY B 217 4.60 -24.34 11.43
CA GLY B 217 4.77 -24.13 10.00
C GLY B 217 5.96 -24.87 9.42
N ILE B 218 6.09 -24.76 8.10
CA ILE B 218 7.12 -25.50 7.36
C ILE B 218 8.12 -24.58 6.67
N PHE B 219 7.85 -23.27 6.55
CA PHE B 219 8.71 -22.40 5.74
C PHE B 219 10.08 -22.20 6.39
N HIS B 220 10.13 -21.82 7.66
CA HIS B 220 11.42 -21.74 8.35
C HIS B 220 12.22 -23.04 8.26
N PRO B 221 11.70 -24.21 8.62
CA PRO B 221 12.55 -25.41 8.52
C PRO B 221 13.00 -25.68 7.09
N LEU B 222 12.18 -25.35 6.10
CA LEU B 222 12.58 -25.54 4.70
C LEU B 222 13.81 -24.70 4.37
N GLY B 223 13.78 -23.41 4.74
CA GLY B 223 14.93 -22.56 4.46
C GLY B 223 16.17 -23.00 5.22
N LEU B 224 16.00 -23.30 6.50
CA LEU B 224 17.08 -23.92 7.28
C LEU B 224 17.72 -25.08 6.52
N ALA B 225 16.90 -25.99 5.99
CA ALA B 225 17.44 -27.14 5.26
C ALA B 225 18.23 -26.69 4.03
N VAL B 226 17.68 -25.78 3.23
CA VAL B 226 18.35 -25.38 2.01
C VAL B 226 19.59 -24.54 2.31
N ALA B 227 19.49 -23.66 3.31
CA ALA B 227 20.60 -22.73 3.59
C ALA B 227 21.78 -23.44 4.24
N THR B 228 21.54 -24.38 5.16
CA THR B 228 22.63 -25.02 5.88
C THR B 228 23.08 -26.34 5.28
N ARG B 229 22.29 -26.94 4.40
CA ARG B 229 22.60 -28.24 3.79
C ARG B 229 22.69 -29.35 4.84
N LYS B 230 22.00 -29.19 5.95
CA LYS B 230 21.99 -30.22 6.97
C LYS B 230 20.58 -30.76 7.17
N LYS B 231 20.52 -31.93 7.79
CA LYS B 231 19.26 -32.54 8.19
C LYS B 231 18.52 -31.65 9.18
N VAL B 232 17.22 -31.50 8.98
CA VAL B 232 16.41 -30.61 9.81
C VAL B 232 15.22 -31.37 10.38
N LEU B 233 15.05 -31.28 11.68
CA LEU B 233 13.88 -31.78 12.39
C LEU B 233 13.07 -30.58 12.89
N ALA B 234 11.79 -30.53 12.50
CA ALA B 234 10.87 -29.49 12.94
C ALA B 234 9.92 -30.06 13.99
N ILE B 235 9.84 -29.39 15.13
CA ILE B 235 8.88 -29.75 16.18
C ILE B 235 7.96 -28.56 16.44
N ASP B 236 6.66 -28.78 16.28
CA ASP B 236 5.61 -27.79 16.50
C ASP B 236 5.21 -27.76 17.97
N PRO B 237 5.48 -26.68 18.70
CA PRO B 237 5.23 -26.72 20.15
C PRO B 237 3.76 -26.80 20.52
N TYR B 238 2.86 -26.30 19.66
CA TYR B 238 1.43 -26.32 20.00
C TYR B 238 0.81 -27.70 19.82
N THR B 239 1.32 -28.50 18.88
CA THR B 239 0.74 -29.82 18.65
C THR B 239 1.63 -30.95 19.15
N LYS B 240 2.87 -30.68 19.51
CA LYS B 240 3.89 -31.69 19.80
C LYS B 240 4.18 -32.57 18.60
N ALA B 241 3.72 -32.21 17.41
CA ALA B 241 4.00 -32.99 16.22
C ALA B 241 5.39 -32.67 15.69
N PHE B 242 5.97 -33.63 14.98
CA PHE B 242 7.30 -33.46 14.44
C PHE B 242 7.27 -33.71 12.94
N SER B 243 8.35 -33.31 12.27
CA SER B 243 8.44 -33.40 10.82
C SER B 243 9.92 -33.41 10.44
N TRP B 244 10.33 -34.43 9.68
CA TRP B 244 11.66 -34.47 9.08
C TRP B 244 11.59 -33.78 7.72
N ILE B 245 12.37 -32.72 7.55
CA ILE B 245 12.27 -31.86 6.36
C ILE B 245 12.94 -32.54 5.18
N ASP B 246 12.23 -32.61 4.05
CA ASP B 246 12.80 -33.08 2.79
C ASP B 246 12.60 -31.98 1.77
N PRO B 247 13.63 -31.20 1.44
CA PRO B 247 13.45 -30.04 0.55
C PRO B 247 13.30 -30.37 -0.93
N GLU B 248 13.38 -31.64 -1.31
CA GLU B 248 13.41 -31.99 -2.74
C GLU B 248 12.13 -31.60 -3.46
N ARG B 249 10.96 -31.87 -2.87
CA ARG B 249 9.72 -31.47 -3.52
C ARG B 249 9.67 -29.97 -3.71
N PHE B 250 10.17 -29.21 -2.74
CA PHE B 250 10.13 -27.76 -2.86
C PHE B 250 11.08 -27.30 -3.96
N ILE B 251 12.28 -27.89 -4.02
CA ILE B 251 13.22 -27.51 -5.06
C ILE B 251 12.68 -27.88 -6.45
N ARG B 252 12.11 -29.09 -6.58
CA ARG B 252 11.55 -29.45 -7.87
C ARG B 252 10.46 -28.47 -8.31
N LYS B 253 9.57 -28.09 -7.39
CA LYS B 253 8.53 -27.12 -7.74
C LYS B 253 9.15 -25.77 -8.11
N ARG B 254 10.30 -25.43 -7.53
CA ARG B 254 10.97 -24.17 -7.86
C ARG B 254 11.60 -24.24 -9.25
N TRP B 255 12.15 -25.39 -9.63
CA TRP B 255 12.73 -25.53 -10.97
C TRP B 255 11.67 -25.43 -12.06
N ALA B 256 10.45 -25.89 -11.77
CA ALA B 256 9.36 -25.70 -12.74
C ALA B 256 9.13 -24.22 -13.01
N GLN B 257 9.31 -23.37 -12.01
CA GLN B 257 9.27 -21.94 -12.25
C GLN B 257 10.47 -21.50 -13.07
N ILE B 258 11.65 -22.01 -12.73
CA ILE B 258 12.85 -21.64 -13.47
C ILE B 258 12.75 -22.08 -14.93
N ALA B 259 12.41 -23.36 -15.14
CA ALA B 259 12.17 -23.86 -16.49
C ALA B 259 11.21 -22.96 -17.26
N LYS B 260 10.00 -22.75 -16.72
CA LYS B 260 9.06 -21.78 -17.28
C LYS B 260 9.74 -20.48 -17.67
N ALA B 261 10.56 -19.93 -16.78
CA ALA B 261 11.19 -18.63 -17.02
C ALA B 261 12.28 -18.69 -18.09
N MET B 262 12.80 -19.89 -18.39
CA MET B 262 13.89 -19.97 -19.37
C MET B 262 13.47 -19.61 -20.79
N ASP B 263 12.19 -19.40 -21.05
CA ASP B 263 11.77 -18.96 -22.38
C ASP B 263 11.52 -17.46 -22.48
N ALA B 264 11.63 -16.72 -21.37
CA ALA B 264 11.15 -15.34 -21.33
C ALA B 264 12.21 -14.36 -21.82
N LYS B 265 11.79 -13.41 -22.66
CA LYS B 265 12.68 -12.33 -23.06
C LYS B 265 12.57 -11.11 -22.15
N LYS B 266 11.44 -10.91 -21.48
CA LYS B 266 11.10 -9.64 -20.80
C LYS B 266 10.87 -9.87 -19.30
N PHE B 267 11.74 -9.30 -18.48
CA PHE B 267 11.68 -9.49 -17.03
C PHE B 267 11.34 -8.19 -16.31
N GLY B 268 10.51 -8.32 -15.28
CA GLY B 268 10.29 -7.26 -14.31
C GLY B 268 11.03 -7.60 -13.02
N VAL B 269 11.82 -6.65 -12.55
CA VAL B 269 12.65 -6.78 -11.35
C VAL B 269 12.13 -5.82 -10.30
N ILE B 270 11.61 -6.37 -9.20
CA ILE B 270 10.79 -5.65 -8.25
C ILE B 270 11.57 -5.38 -6.97
N VAL B 271 11.42 -4.16 -6.45
CA VAL B 271 11.90 -3.83 -5.11
C VAL B 271 10.74 -3.35 -4.26
N SER B 272 10.96 -3.37 -2.96
CA SER B 272 10.04 -2.85 -1.97
C SER B 272 10.68 -1.67 -1.25
N ILE B 273 9.90 -0.60 -1.02
CA ILE B 273 10.45 0.59 -0.35
C ILE B 273 10.42 0.46 1.17
N LYS B 274 9.86 -0.62 1.72
CA LYS B 274 9.95 -0.83 3.16
C LYS B 274 11.40 -0.81 3.60
N LYS B 275 11.68 -0.10 4.70
CA LYS B 275 13.05 0.24 5.08
C LYS B 275 13.95 -0.99 5.15
N GLY B 276 13.45 -2.07 5.74
CA GLY B 276 14.22 -3.28 5.86
C GLY B 276 14.20 -4.21 4.67
N GLN B 277 13.46 -3.86 3.61
CA GLN B 277 13.35 -4.73 2.45
C GLN B 277 13.96 -4.15 1.19
N LEU B 278 14.45 -2.90 1.21
CA LEU B 278 14.89 -2.23 -0.01
C LEU B 278 16.27 -2.73 -0.40
N ARG B 279 16.37 -3.29 -1.59
CA ARG B 279 17.59 -3.95 -2.07
C ARG B 279 17.89 -3.43 -3.45
N LEU B 280 18.17 -2.12 -3.52
CA LEU B 280 18.23 -1.44 -4.81
C LEU B 280 19.48 -1.84 -5.60
N ALA B 281 20.63 -1.91 -4.92
CA ALA B 281 21.87 -2.29 -5.58
C ALA B 281 21.79 -3.68 -6.19
N GLU B 282 21.22 -4.64 -5.47
CA GLU B 282 21.07 -5.98 -6.01
C GLU B 282 20.11 -5.99 -7.17
N ALA B 283 18.97 -5.31 -7.02
CA ALA B 283 18.00 -5.27 -8.11
C ALA B 283 18.62 -4.68 -9.36
N LYS B 284 19.37 -3.59 -9.22
CA LYS B 284 20.05 -3.02 -10.37
C LYS B 284 21.02 -4.03 -10.99
N ARG B 285 21.80 -4.72 -10.16
CA ARG B 285 22.70 -5.75 -10.68
C ARG B 285 21.93 -6.81 -11.47
N ILE B 286 20.80 -7.27 -10.92
CA ILE B 286 19.97 -8.25 -11.63
C ILE B 286 19.51 -7.73 -12.98
N VAL B 287 19.17 -6.44 -13.04
CA VAL B 287 18.78 -5.82 -14.30
C VAL B 287 19.94 -5.87 -15.30
N LYS B 288 21.11 -5.39 -14.87
CA LYS B 288 22.27 -5.36 -15.75
C LYS B 288 22.60 -6.77 -16.26
N LEU B 289 22.50 -7.76 -15.38
CA LEU B 289 22.84 -9.13 -15.73
C LEU B 289 21.85 -9.74 -16.70
N LEU B 290 20.55 -9.48 -16.50
CA LEU B 290 19.56 -9.95 -17.46
C LEU B 290 19.77 -9.34 -18.84
N LYS B 291 20.22 -8.09 -18.89
CA LYS B 291 20.46 -7.48 -20.19
C LYS B 291 21.73 -8.01 -20.84
N LYS B 292 22.74 -8.36 -20.03
CA LYS B 292 23.96 -8.92 -20.59
C LYS B 292 23.75 -10.30 -21.20
N HIS B 293 22.70 -11.01 -20.79
CA HIS B 293 22.36 -12.31 -21.35
C HIS B 293 21.21 -12.22 -22.35
N GLY B 294 21.12 -11.10 -23.07
CA GLY B 294 20.18 -10.92 -24.16
C GLY B 294 18.73 -10.96 -23.76
N ARG B 295 18.38 -10.36 -22.62
CA ARG B 295 17.01 -10.32 -22.14
C ARG B 295 16.68 -8.90 -21.71
N GLU B 296 15.43 -8.51 -21.86
CA GLU B 296 15.01 -7.20 -21.43
C GLU B 296 14.61 -7.24 -19.96
N ALA B 297 14.95 -6.18 -19.24
CA ALA B 297 14.63 -6.08 -17.82
C ALA B 297 14.33 -4.64 -17.42
N ARG B 298 13.34 -4.49 -16.55
CA ARG B 298 12.92 -3.21 -16.01
C ARG B 298 12.86 -3.29 -14.48
N LEU B 299 13.46 -2.32 -13.81
CA LEU B 299 13.26 -2.17 -12.38
C LEU B 299 11.86 -1.61 -12.07
N ILE B 300 11.19 -2.23 -11.11
CA ILE B 300 9.85 -1.87 -10.65
C ILE B 300 9.90 -1.58 -9.15
N VAL B 301 9.32 -0.45 -8.74
CA VAL B 301 9.32 0.03 -7.36
C VAL B 301 7.92 -0.14 -6.76
N MET B 302 7.85 -0.78 -5.58
CA MET B 302 6.58 -1.06 -4.91
C MET B 302 6.74 -0.83 -3.41
N ASN B 303 5.62 -0.88 -2.69
CA ASN B 303 5.67 -1.01 -1.24
C ASN B 303 5.33 -2.45 -0.89
N ASP B 304 4.05 -2.80 -0.92
CA ASP B 304 3.64 -4.20 -0.83
C ASP B 304 3.76 -4.85 -2.20
N VAL B 305 4.45 -5.99 -2.27
CA VAL B 305 4.71 -6.69 -3.55
C VAL B 305 3.56 -7.67 -3.75
N ASN B 306 2.53 -7.23 -4.46
CA ASN B 306 1.38 -8.05 -4.81
C ASN B 306 1.39 -8.32 -6.31
N TYR B 307 1.21 -9.60 -6.68
CA TYR B 307 1.16 -9.89 -8.10
C TYR B 307 -0.01 -9.20 -8.78
N HIS B 308 -1.13 -9.03 -8.08
CA HIS B 308 -2.32 -8.51 -8.75
C HIS B 308 -2.11 -7.11 -9.27
N LYS B 309 -1.15 -6.38 -8.71
CA LYS B 309 -0.81 -5.06 -9.20
C LYS B 309 -0.12 -5.09 -10.55
N LEU B 310 0.55 -6.18 -10.89
CA LEU B 310 1.46 -6.21 -12.03
C LEU B 310 0.86 -6.81 -13.29
N GLU B 311 -0.42 -7.15 -13.28
CA GLU B 311 -0.97 -7.98 -14.35
C GLU B 311 -0.99 -7.26 -15.70
N GLY B 312 -1.04 -5.93 -15.70
CA GLY B 312 -1.09 -5.17 -16.94
C GLY B 312 0.24 -4.94 -17.62
N PHE B 313 1.35 -5.13 -16.90
CA PHE B 313 2.65 -4.88 -17.46
C PHE B 313 2.96 -5.93 -18.53
N PRO B 314 3.88 -5.63 -19.45
CA PRO B 314 4.17 -6.57 -20.55
C PRO B 314 5.22 -7.63 -20.21
N PHE B 315 5.60 -7.78 -18.96
CA PHE B 315 6.73 -8.64 -18.64
C PHE B 315 6.30 -10.12 -18.64
N GLU B 316 7.16 -10.97 -19.19
CA GLU B 316 6.87 -12.40 -19.24
C GLU B 316 7.23 -13.13 -17.95
N ALA B 317 8.17 -12.59 -17.16
CA ALA B 317 8.62 -13.21 -15.93
C ALA B 317 9.02 -12.13 -14.93
N TYR B 318 9.09 -12.52 -13.66
CA TYR B 318 9.35 -11.56 -12.60
C TYR B 318 10.42 -12.07 -11.64
N VAL B 319 11.19 -11.12 -11.12
CA VAL B 319 12.16 -11.35 -10.05
C VAL B 319 11.80 -10.41 -8.90
N VAL B 320 11.51 -11.00 -7.72
CA VAL B 320 11.30 -10.21 -6.51
C VAL B 320 12.64 -10.13 -5.78
N VAL B 321 13.14 -8.90 -5.60
CA VAL B 321 14.37 -8.63 -4.88
C VAL B 321 14.00 -7.86 -3.62
N ALA B 322 13.34 -8.54 -2.69
CA ALA B 322 12.86 -7.90 -1.47
C ALA B 322 12.68 -8.97 -0.39
N CYS B 323 11.45 -9.17 0.09
CA CYS B 323 11.21 -10.25 1.04
C CYS B 323 11.10 -11.55 0.26
N PRO B 324 12.04 -12.49 0.46
CA PRO B 324 12.01 -13.74 -0.35
C PRO B 324 10.75 -14.57 -0.15
N ARG B 325 10.01 -14.34 0.93
CA ARG B 325 8.80 -15.08 1.22
C ARG B 325 7.70 -14.87 0.20
N VAL B 326 7.87 -13.93 -0.73
CA VAL B 326 6.81 -13.63 -1.69
C VAL B 326 6.96 -14.50 -2.94
N PRO B 327 8.13 -14.54 -3.61
CA PRO B 327 8.25 -15.50 -4.74
C PRO B 327 8.14 -16.94 -4.30
N LEU B 328 8.65 -17.27 -3.10
CA LEU B 328 8.57 -18.63 -2.57
C LEU B 328 7.22 -18.94 -1.95
N ASP B 329 6.13 -18.43 -2.54
CA ASP B 329 4.76 -18.74 -2.15
C ASP B 329 3.79 -18.53 -3.31
N TRP B 334 1.96 -18.10 -8.62
CA TRP B 334 1.45 -16.99 -9.43
C TRP B 334 1.10 -17.45 -10.84
N ARG B 335 0.92 -16.48 -11.75
CA ARG B 335 0.52 -16.75 -13.14
C ARG B 335 1.73 -16.78 -14.07
N LYS B 336 2.47 -15.68 -14.15
CA LYS B 336 3.80 -15.70 -14.75
C LYS B 336 4.80 -16.22 -13.72
N PRO B 337 5.95 -16.74 -14.17
CA PRO B 337 6.95 -17.22 -13.21
C PRO B 337 7.56 -16.06 -12.45
N VAL B 338 7.68 -16.21 -11.13
CA VAL B 338 8.22 -15.16 -10.27
C VAL B 338 9.35 -15.75 -9.44
N LEU B 339 10.54 -15.17 -9.55
CA LEU B 339 11.78 -15.80 -9.15
C LEU B 339 12.47 -15.00 -8.07
N THR B 340 13.30 -15.68 -7.28
CA THR B 340 14.19 -14.96 -6.38
C THR B 340 15.47 -14.61 -7.11
N PRO B 341 16.26 -13.67 -6.56
CA PRO B 341 17.57 -13.38 -7.17
C PRO B 341 18.48 -14.62 -7.31
N LYS B 342 18.54 -15.47 -6.28
CA LYS B 342 19.30 -16.71 -6.42
C LYS B 342 18.80 -17.52 -7.61
N GLU B 343 17.48 -17.60 -7.78
CA GLU B 343 16.90 -18.44 -8.81
C GLU B 343 17.17 -17.89 -10.21
N VAL B 344 17.15 -16.57 -10.36
CA VAL B 344 17.44 -16.05 -11.68
C VAL B 344 18.92 -16.25 -11.98
N GLU B 345 19.77 -16.29 -10.95
CA GLU B 345 21.18 -16.59 -11.20
C GLU B 345 21.35 -17.99 -11.73
N ILE B 346 20.46 -18.90 -11.33
CA ILE B 346 20.46 -20.25 -11.89
C ILE B 346 20.01 -20.23 -13.34
N LEU B 347 18.93 -19.49 -13.63
CA LEU B 347 18.41 -19.44 -14.99
C LEU B 347 19.49 -18.96 -15.96
N LEU B 348 20.24 -17.94 -15.56
CA LEU B 348 21.34 -17.42 -16.36
C LEU B 348 22.58 -18.30 -16.29
N GLY B 349 22.56 -19.33 -15.46
CA GLY B 349 23.66 -20.26 -15.38
C GLY B 349 24.90 -19.73 -14.69
N LEU B 350 24.76 -18.74 -13.81
CA LEU B 350 25.89 -18.29 -13.00
C LEU B 350 25.93 -19.00 -11.66
N ARG B 351 25.01 -19.93 -11.44
CA ARG B 351 24.82 -20.62 -10.18
C ARG B 351 24.28 -22.01 -10.49
N GLU B 352 24.77 -23.01 -9.77
CA GLU B 352 24.37 -24.39 -9.99
C GLU B 352 23.44 -24.89 -8.90
N GLU B 353 23.89 -24.96 -7.65
CA GLU B 353 23.04 -25.49 -6.60
C GLU B 353 21.94 -24.50 -6.23
N TYR B 354 20.77 -25.03 -5.89
CA TYR B 354 19.69 -24.21 -5.39
C TYR B 354 20.11 -23.52 -4.10
N GLU B 355 19.65 -22.29 -3.91
CA GLU B 355 19.95 -21.50 -2.74
C GLU B 355 18.71 -20.73 -2.30
N PHE B 356 18.50 -20.67 -0.99
CA PHE B 356 17.47 -19.82 -0.43
C PHE B 356 17.93 -18.38 -0.47
N ASP B 357 17.03 -17.48 -0.84
CA ASP B 357 17.35 -16.06 -0.82
C ASP B 357 17.15 -15.55 0.59
N GLU B 358 18.12 -14.79 1.08
CA GLU B 358 18.15 -14.28 2.44
C GLU B 358 18.59 -12.84 2.40
N ILE B 359 18.01 -12.03 3.29
CA ILE B 359 18.50 -10.68 3.53
C ILE B 359 19.44 -10.76 4.72
N LEU B 360 20.73 -10.62 4.46
CA LEU B 360 21.75 -10.63 5.49
C LEU B 360 21.99 -9.21 6.04
N GLY B 361 22.38 -9.15 7.31
CA GLY B 361 22.87 -7.94 7.91
C GLY B 361 24.34 -8.10 8.26
N GLY B 362 24.90 -7.19 9.03
CA GLY B 362 26.27 -7.29 9.46
C GLY B 362 26.33 -7.72 10.91
N PRO B 363 27.48 -7.53 11.55
CA PRO B 363 27.64 -8.00 12.94
C PRO B 363 26.67 -7.28 13.87
N ARG B 364 26.25 -7.98 14.91
CA ARG B 364 25.34 -7.42 15.90
C ARG B 364 26.10 -7.14 17.18
N GLU B 365 26.07 -5.89 17.63
CA GLU B 365 26.84 -5.49 18.81
C GLU B 365 26.32 -6.19 20.06
N SER B 366 25.05 -5.96 20.40
CA SER B 366 24.46 -6.52 21.60
C SER B 366 23.18 -7.27 21.28
N ASP B 367 22.43 -7.68 22.30
CA ASP B 367 21.21 -8.47 22.15
C ASP B 367 20.00 -7.67 22.62
N GLU B 368 18.84 -7.97 22.02
CA GLU B 368 17.59 -7.31 22.39
C GLU B 368 17.06 -7.89 23.71
N PRO B 369 16.42 -7.05 24.52
CA PRO B 369 15.87 -7.54 25.79
C PRO B 369 14.77 -8.56 25.57
N PHE B 370 14.57 -9.41 26.56
CA PHE B 370 13.43 -10.33 26.53
C PHE B 370 12.17 -9.58 27.01
N GLY B 371 11.92 -8.46 26.35
CA GLY B 371 10.82 -7.59 26.72
C GLY B 371 10.78 -6.39 25.80
N ILE B 372 10.13 -5.31 26.26
CA ILE B 372 10.00 -4.12 25.43
C ILE B 372 11.37 -3.44 25.32
N SER B 373 11.66 -2.94 24.14
CA SER B 373 12.85 -2.16 23.85
C SER B 373 12.44 -0.80 23.28
N ILE B 374 13.35 0.16 23.37
CA ILE B 374 13.10 1.47 22.78
C ILE B 374 14.36 1.92 22.05
N HIS B 375 14.21 2.25 20.78
CA HIS B 375 15.31 2.68 19.94
C HIS B 375 14.97 3.99 19.27
N SER B 376 15.99 4.75 18.91
CA SER B 376 15.82 5.98 18.14
C SER B 376 17.13 6.25 17.40
N THR B 377 17.09 6.10 16.08
CA THR B 377 18.27 6.40 15.25
C THR B 377 18.17 7.79 14.61
CS MTA C . -10.87 6.51 -10.31
S5' MTA C . -10.10 7.19 -8.87
C5' MTA C . -11.18 6.60 -7.60
C4' MTA C . -11.11 5.09 -7.40
O4' MTA C . -9.81 4.70 -6.97
C2' MTA C . -11.28 3.88 -5.29
O2' MTA C . -11.66 2.50 -5.32
C3' MTA C . -12.08 4.65 -6.31
O3' MTA C . -13.11 3.82 -6.89
C1' MTA C . -9.83 4.03 -5.71
N9 MTA C . -9.16 4.91 -4.72
C8 MTA C . -8.92 6.22 -4.87
N7 MTA C . -8.29 6.73 -3.78
C5 MTA C . -8.13 5.72 -2.90
C6 MTA C . -7.54 5.55 -1.56
N6 MTA C . -6.98 6.58 -0.88
N1 MTA C . -7.58 4.31 -1.01
C2 MTA C . -8.12 3.27 -1.64
N3 MTA C . -8.68 3.34 -2.86
C4 MTA C . -8.70 4.52 -3.53
S SO4 D . -11.87 10.41 -10.85
O1 SO4 D . -11.90 9.33 -11.83
O2 SO4 D . -12.79 10.06 -9.77
O3 SO4 D . -12.29 11.63 -11.51
O4 SO4 D . -10.54 10.58 -10.28
FE1 SF4 E . -8.23 11.20 -6.28
FE2 SF4 E . -10.46 12.86 -6.59
FE3 SF4 E . -10.75 10.44 -5.27
FE4 SF4 E . -10.24 10.45 -7.99
S1 SF4 E . -12.06 11.17 -6.89
S2 SF4 E . -9.26 9.17 -6.32
S3 SF4 E . -8.92 12.29 -8.16
S4 SF4 E . -9.41 12.15 -4.65
CS MTA F . 4.04 -12.91 8.11
S5' MTA F . 5.72 -12.82 7.60
C5' MTA F . 5.57 -12.27 5.93
C4' MTA F . 4.20 -12.53 5.35
O4' MTA F . 3.67 -11.29 4.86
C2' MTA F . 4.03 -12.64 2.94
O2' MTA F . 3.00 -13.19 2.11
C3' MTA F . 4.24 -13.48 4.17
O3' MTA F . 3.19 -14.46 4.31
C1' MTA F . 3.63 -11.26 3.44
N9 MTA F . 4.62 -10.26 2.96
C8 MTA F . 5.84 -10.03 3.50
N7 MTA F . 6.50 -9.04 2.82
C5 MTA F . 5.68 -8.64 1.83
C6 MTA F . 5.75 -7.64 0.73
N6 MTA F . 6.82 -6.85 0.55
N1 MTA F . 4.68 -7.53 -0.08
C2 MTA F . 3.59 -8.31 0.07
N3 MTA F . 3.47 -9.24 1.04
C4 MTA F . 4.46 -9.44 1.92
S SO4 G . 8.90 -14.22 9.69
O1 SO4 G . 8.67 -15.31 8.74
O2 SO4 G . 9.47 -14.75 10.92
O3 SO4 G . 9.79 -13.23 9.09
O4 SO4 G . 7.63 -13.56 9.99
FE1 SF4 H . 10.31 -9.05 6.56
FE2 SF4 H . 12.22 -11.07 6.81
FE3 SF4 H . 10.17 -11.38 5.01
FE4 SF4 H . 9.59 -11.45 7.68
S1 SF4 H . 10.80 -12.91 6.48
S2 SF4 H . 8.49 -10.30 5.98
S3 SF4 H . 11.12 -9.97 8.47
S4 SF4 H . 11.72 -9.73 4.98
#